data_4K5M
#
_entry.id   4K5M
#
_cell.length_a   75.995
_cell.length_b   109.035
_cell.length_c   118.576
_cell.angle_alpha   90.00
_cell.angle_beta   90.00
_cell.angle_gamma   90.00
#
_symmetry.space_group_name_H-M   'P 21 21 21'
#
loop_
_entity.id
_entity.type
_entity.pdbx_description
1 polymer 'M1 family aminopeptidase'
2 non-polymer 'ZINC ION'
3 non-polymer 'MAGNESIUM ION'
4 non-polymer GLYCEROL
5 non-polymer '[(1R)-1-amino-4-carbamimidamidobutyl]phosphonic acid'
6 water water
#
_entity_poly.entity_id   1
_entity_poly.type   'polypeptide(L)'
_entity_poly.pdbx_seq_one_letter_code
;MEPKIHYRKDYKPSGFIINQVTLNINIHDQETIVRSVLDMDISKHNVGEDLVFDGVGLKINEISINNKKLVEGEEYTYDN
EFLTIFSKFVPKSKFAFSSEVIIHPETNYALTGLYKSKNIIVSQCEATGFRRITFFIDRPDMMAKYDVTVTADKEKYPVL
LSNGDKVNEFEIPGGRHGARFNDPPLKPCYLFAVVAGDLKHLSATYITKYTKKKVELYVFSEEKYVSKLQWALECLKKSM
AFDEDYFGLEYDLSRLNLVAVSDFNVGAMENKGLNIFNANSLLASKKNSIDFSYARILTVVGHEYFHQYTGNRVTLRDWF
QLTLKEGLTVHRENLFSEEMTKTVTTRLSHVDLLRSVQFLEDSSPLSHPIRPESYVSMENFYTTTVYDKGSEVMRMYLTI
LGEEYYKKGFDIYIKKNDGNTATCEDFNYAMEQAYKMKKADNSANLNQYLLWFSQSGTPHVSFKYNYDAEKKQYSIHVNQ
YTKPDENQKEKKPLFIPISVGLINPENGKEMISQTTLELTKESDTFVFNNIAVKPIPSLFRGFSAPVYIEDQLTDEERIL
LLKYDSDAFVRYNSCTNIYMKQILMNYNEFLKAKNEKLESFQLTPVNAQFIDAIKYLLEDPHADAGFKSYIVSLPQDRYI
INFVSNLDTDVLADTKEYIYKQIGDKLNDVYYKMFKSLEAKADDLTYFNDESHVDFDQMNMRTLRNTLLSLLSKAQYPNI
LNEIIEHSKSPYPSNWLTSLSVSAYFDKYFELYDKTYKLSKDDELLLQEWLKTVSRSDRKDIYEILKKLENEVLKDSKNP
NDIRAVYLPFTNNLRRFHDISGKGYKLIAEVITKTDKFNPMVATQLCEPFKLWNKLDTKRQELMLNEMNTMLQEPQISNN
LKEYLLRLTNKLHHHHHH
;
_entity_poly.pdbx_strand_id   A
#
# COMPACT_ATOMS: atom_id res chain seq x y z
N PRO A 3 -5.92 -14.07 24.64
CA PRO A 3 -6.30 -13.27 23.44
C PRO A 3 -7.34 -13.98 22.60
N LYS A 4 -8.47 -13.31 22.35
CA LYS A 4 -9.59 -13.96 21.67
C LYS A 4 -9.35 -14.12 20.15
N ILE A 5 -9.69 -15.28 19.60
CA ILE A 5 -9.53 -15.51 18.18
C ILE A 5 -10.88 -15.47 17.47
N HIS A 6 -10.96 -14.63 16.44
CA HIS A 6 -12.20 -14.51 15.67
C HIS A 6 -12.07 -15.38 14.42
N TYR A 7 -13.08 -16.19 14.11
CA TYR A 7 -13.01 -17.13 13.00
C TYR A 7 -14.05 -16.76 11.97
N ARG A 8 -13.65 -16.72 10.70
CA ARG A 8 -14.58 -16.41 9.60
C ARG A 8 -15.84 -17.23 9.55
N LYS A 9 -15.74 -18.53 9.85
CA LYS A 9 -16.92 -19.37 9.66
C LYS A 9 -17.92 -19.18 10.84
N ASP A 10 -17.50 -18.44 11.88
CA ASP A 10 -18.36 -18.16 13.03
C ASP A 10 -19.28 -16.95 12.88
N TYR A 11 -19.34 -16.37 11.66
CA TYR A 11 -20.14 -15.19 11.45
C TYR A 11 -21.61 -15.50 11.75
N LYS A 12 -22.22 -14.68 12.61
CA LYS A 12 -23.68 -14.71 12.81
C LYS A 12 -24.20 -13.28 12.99
N PRO A 13 -25.37 -12.96 12.41
CA PRO A 13 -25.97 -11.64 12.59
C PRO A 13 -26.28 -11.34 14.07
N SER A 14 -26.22 -10.06 14.46
CA SER A 14 -26.44 -9.59 15.84
C SER A 14 -27.89 -9.88 16.29
N GLY A 15 -28.07 -10.16 17.58
CA GLY A 15 -29.41 -10.15 18.19
C GLY A 15 -30.03 -8.77 18.43
N PHE A 16 -29.37 -7.68 17.98
CA PHE A 16 -29.82 -6.28 18.10
C PHE A 16 -29.78 -5.53 16.79
N ILE A 17 -30.57 -4.47 16.74
CA ILE A 17 -30.51 -3.54 15.62
C ILE A 17 -30.29 -2.15 16.19
N ILE A 18 -29.42 -1.38 15.55
CA ILE A 18 -29.27 0.03 15.85
C ILE A 18 -29.77 0.81 14.67
N ASN A 19 -30.88 1.51 14.86
CA ASN A 19 -31.49 2.24 13.75
C ASN A 19 -31.00 3.65 13.62
N GLN A 20 -30.76 4.30 14.78
CA GLN A 20 -30.45 5.73 14.79
C GLN A 20 -29.42 6.06 15.88
N VAL A 21 -28.40 6.81 15.51
CA VAL A 21 -27.43 7.36 16.45
C VAL A 21 -27.59 8.90 16.44
N THR A 22 -27.67 9.45 17.64
CA THR A 22 -27.72 10.87 17.74
C THR A 22 -26.57 11.23 18.67
N LEU A 23 -25.54 11.91 18.15
CA LEU A 23 -24.34 12.23 18.92
C LEU A 23 -24.19 13.70 19.27
N ASN A 24 -23.66 13.97 20.46
CA ASN A 24 -23.26 15.31 20.80
C ASN A 24 -21.84 15.18 21.28
N ILE A 25 -20.92 15.81 20.53
CA ILE A 25 -19.52 15.69 20.87
C ILE A 25 -19.02 17.10 21.32
N ASN A 26 -18.77 17.28 22.61
CA ASN A 26 -18.41 18.60 23.12
C ASN A 26 -16.96 18.61 23.50
N ILE A 27 -16.18 19.33 22.72
CA ILE A 27 -14.72 19.29 22.82
C ILE A 27 -14.30 20.45 23.77
N HIS A 28 -13.57 20.09 24.82
CA HIS A 28 -13.04 21.07 25.82
C HIS A 28 -11.53 20.98 25.91
N ASP A 29 -10.89 21.89 26.65
CA ASP A 29 -9.42 21.99 26.66
C ASP A 29 -8.74 20.69 27.17
N GLN A 30 -9.30 20.12 28.23
CA GLN A 30 -8.70 18.99 28.91
C GLN A 30 -9.51 17.67 28.71
N GLU A 31 -10.66 17.73 28.01
CA GLU A 31 -11.54 16.53 27.86
C GLU A 31 -12.56 16.76 26.80
N THR A 32 -13.06 15.67 26.21
CA THR A 32 -14.17 15.77 25.30
C THR A 32 -15.28 14.91 25.88
N ILE A 33 -16.48 15.48 25.97
CA ILE A 33 -17.60 14.78 26.50
C ILE A 33 -18.46 14.32 25.33
N VAL A 34 -18.80 13.03 25.32
CA VAL A 34 -19.59 12.48 24.23
C VAL A 34 -20.91 11.91 24.77
N ARG A 35 -22.01 12.55 24.35
CA ARG A 35 -23.36 12.07 24.64
C ARG A 35 -23.92 11.36 23.43
N SER A 36 -24.49 10.18 23.62
CA SER A 36 -24.99 9.42 22.50
C SER A 36 -26.32 8.78 22.86
N VAL A 37 -27.29 8.89 21.98
CA VAL A 37 -28.52 8.12 22.10
C VAL A 37 -28.61 7.18 20.92
N LEU A 38 -28.74 5.90 21.22
CA LEU A 38 -28.93 4.91 20.17
C LEU A 38 -30.41 4.48 20.18
N ASP A 39 -31.09 4.67 19.07
CA ASP A 39 -32.44 4.07 18.94
C ASP A 39 -32.30 2.66 18.43
N MET A 40 -32.62 1.69 19.29
CA MET A 40 -32.37 0.26 19.08
C MET A 40 -33.62 -0.59 18.97
N ASP A 41 -33.44 -1.83 18.55
CA ASP A 41 -34.51 -2.78 18.44
C ASP A 41 -33.88 -4.16 18.70
N ILE A 42 -34.74 -5.16 18.89
CA ILE A 42 -34.40 -6.57 18.98
C ILE A 42 -34.55 -7.16 17.57
N SER A 43 -33.58 -7.96 17.11
CA SER A 43 -33.63 -8.49 15.74
C SER A 43 -34.25 -9.85 15.76
N LYS A 44 -34.56 -10.41 14.59
CA LYS A 44 -35.13 -11.77 14.53
C LYS A 44 -34.15 -12.84 15.02
N HIS A 45 -32.86 -12.50 15.15
CA HIS A 45 -31.86 -13.45 15.63
C HIS A 45 -31.72 -13.47 17.14
N ASN A 46 -32.40 -12.55 17.83
CA ASN A 46 -32.28 -12.41 19.25
C ASN A 46 -32.70 -13.68 20.03
N VAL A 47 -31.96 -14.05 21.08
CA VAL A 47 -32.35 -15.23 21.93
C VAL A 47 -32.32 -14.87 23.43
N GLY A 48 -32.62 -13.61 23.74
CA GLY A 48 -32.69 -13.14 25.10
C GLY A 48 -31.34 -12.93 25.75
N GLU A 49 -30.30 -12.70 24.92
CA GLU A 49 -28.93 -12.56 25.43
C GLU A 49 -28.71 -11.19 26.11
N ASP A 50 -27.63 -11.09 26.93
CA ASP A 50 -27.14 -9.80 27.40
C ASP A 50 -26.96 -8.83 26.22
N LEU A 51 -27.15 -7.54 26.45
CA LEU A 51 -26.79 -6.55 25.44
C LEU A 51 -25.32 -6.17 25.74
N VAL A 52 -24.41 -6.40 24.76
CA VAL A 52 -22.99 -6.16 25.00
C VAL A 52 -22.52 -5.17 23.94
N PHE A 53 -22.04 -4.01 24.42
CA PHE A 53 -21.51 -3.01 23.53
C PHE A 53 -19.98 -3.07 23.62
N ASP A 54 -19.34 -2.71 22.51
CA ASP A 54 -17.94 -2.42 22.57
C ASP A 54 -17.76 -1.03 23.12
N GLY A 55 -16.71 -0.82 23.93
CA GLY A 55 -16.40 0.53 24.36
C GLY A 55 -15.05 0.41 25.01
N VAL A 56 -14.05 1.09 24.42
CA VAL A 56 -12.67 0.90 24.86
C VAL A 56 -12.10 2.21 25.42
N GLY A 57 -11.69 2.19 26.67
CA GLY A 57 -11.07 3.36 27.22
C GLY A 57 -12.01 4.50 27.57
N LEU A 58 -13.30 4.22 27.78
CA LEU A 58 -14.25 5.25 27.93
C LEU A 58 -14.42 5.45 29.44
N LYS A 59 -14.64 6.67 29.82
CA LYS A 59 -14.93 6.98 31.26
C LYS A 59 -16.43 7.24 31.34
N ILE A 60 -17.16 6.35 32.01
CA ILE A 60 -18.60 6.52 32.10
C ILE A 60 -19.02 7.57 33.14
N ASN A 61 -19.78 8.55 32.68
CA ASN A 61 -20.52 9.43 33.61
C ASN A 61 -21.84 8.77 34.01
N GLU A 62 -22.58 8.31 33.01
CA GLU A 62 -23.83 7.58 33.21
C GLU A 62 -24.26 6.88 31.94
N ILE A 63 -25.04 5.82 32.13
CA ILE A 63 -25.74 5.09 31.06
C ILE A 63 -27.23 4.85 31.47
N SER A 64 -28.10 4.81 30.46
CA SER A 64 -29.55 4.69 30.63
C SER A 64 -30.19 3.82 29.58
N ILE A 65 -31.32 3.23 29.95
CA ILE A 65 -32.22 2.66 28.95
C ILE A 65 -33.59 3.34 29.11
N ASN A 66 -34.12 3.89 28.01
CA ASN A 66 -35.38 4.65 27.98
C ASN A 66 -35.42 5.76 29.03
N ASN A 67 -34.30 6.47 29.18
CA ASN A 67 -34.21 7.56 30.17
C ASN A 67 -34.22 7.21 31.67
N LYS A 68 -33.96 5.97 32.00
CA LYS A 68 -33.65 5.56 33.38
C LYS A 68 -32.20 5.06 33.57
N LYS A 69 -31.43 5.66 34.49
CA LYS A 69 -30.04 5.25 34.75
C LYS A 69 -29.91 3.83 35.18
N LEU A 70 -28.91 3.16 34.64
CA LEU A 70 -28.62 1.80 34.99
C LEU A 70 -27.65 1.77 36.17
N VAL A 71 -27.66 0.69 36.93
CA VAL A 71 -26.76 0.62 38.11
C VAL A 71 -25.61 -0.32 37.98
N GLU A 72 -24.43 0.24 38.20
CA GLU A 72 -23.25 -0.52 37.99
C GLU A 72 -23.21 -1.71 38.96
N GLY A 73 -22.95 -2.90 38.46
CA GLY A 73 -22.80 -4.07 39.31
C GLY A 73 -24.05 -4.92 39.27
N GLU A 74 -25.16 -4.27 39.53
CA GLU A 74 -26.44 -4.97 39.61
C GLU A 74 -27.08 -5.13 38.22
N GLU A 75 -27.00 -4.09 37.39
CA GLU A 75 -27.61 -4.12 36.08
C GLU A 75 -26.59 -4.15 34.91
N TYR A 76 -25.35 -3.81 35.18
CA TYR A 76 -24.36 -3.77 34.06
C TYR A 76 -22.94 -3.89 34.62
N THR A 77 -22.02 -4.38 33.80
CA THR A 77 -20.60 -4.37 34.15
C THR A 77 -19.85 -3.72 32.98
N TYR A 78 -18.78 -3.00 33.31
CA TYR A 78 -17.91 -2.40 32.30
C TYR A 78 -16.48 -2.64 32.72
N ASP A 79 -15.71 -3.21 31.81
CA ASP A 79 -14.35 -3.65 32.09
C ASP A 79 -13.32 -2.94 31.23
N ASN A 80 -13.69 -1.77 30.69
CA ASN A 80 -12.83 -0.94 29.80
C ASN A 80 -12.72 -1.47 28.39
N GLU A 81 -13.47 -2.53 28.08
CA GLU A 81 -13.49 -3.13 26.75
C GLU A 81 -14.92 -3.47 26.29
N PHE A 82 -15.71 -4.07 27.20
CA PHE A 82 -17.11 -4.47 26.93
C PHE A 82 -18.02 -3.95 28.02
N LEU A 83 -19.14 -3.35 27.61
CA LEU A 83 -20.18 -2.91 28.51
C LEU A 83 -21.26 -4.00 28.35
N THR A 84 -21.62 -4.65 29.47
CA THR A 84 -22.54 -5.77 29.40
C THR A 84 -23.76 -5.40 30.22
N ILE A 85 -24.90 -5.28 29.57
CA ILE A 85 -26.19 -5.05 30.27
C ILE A 85 -26.92 -6.37 30.35
N PHE A 86 -27.19 -6.83 31.57
CA PHE A 86 -27.78 -8.16 31.79
C PHE A 86 -29.15 -8.18 31.17
N SER A 87 -29.54 -9.28 30.54
CA SER A 87 -30.71 -9.21 29.65
C SER A 87 -32.03 -8.91 30.37
N LYS A 88 -32.11 -9.30 31.64
CA LYS A 88 -33.31 -9.03 32.41
C LYS A 88 -33.66 -7.55 32.41
N PHE A 89 -32.65 -6.69 32.19
CA PHE A 89 -32.85 -5.25 32.08
C PHE A 89 -32.87 -4.73 30.65
N VAL A 90 -32.87 -5.61 29.67
CA VAL A 90 -32.92 -5.15 28.30
C VAL A 90 -34.33 -5.29 27.81
N PRO A 91 -34.89 -4.20 27.22
CA PRO A 91 -36.24 -4.23 26.67
C PRO A 91 -36.42 -5.24 25.54
N LYS A 92 -37.67 -5.67 25.34
CA LYS A 92 -38.03 -6.65 24.32
C LYS A 92 -38.58 -6.06 23.04
N SER A 93 -38.76 -4.74 22.99
CA SER A 93 -39.09 -4.07 21.74
C SER A 93 -38.22 -2.83 21.56
N LYS A 94 -38.56 -1.97 20.60
CA LYS A 94 -37.82 -0.74 20.34
C LYS A 94 -37.52 0.02 21.63
N PHE A 95 -36.28 0.47 21.80
CA PHE A 95 -35.89 1.17 23.01
C PHE A 95 -34.74 2.10 22.68
N ALA A 96 -34.48 3.04 23.61
CA ALA A 96 -33.33 3.93 23.52
C ALA A 96 -32.29 3.53 24.55
N PHE A 97 -31.05 3.41 24.08
CA PHE A 97 -29.92 3.35 24.96
C PHE A 97 -29.19 4.69 24.89
N SER A 98 -28.86 5.28 26.04
CA SER A 98 -28.15 6.59 26.08
C SER A 98 -26.97 6.51 27.01
N SER A 99 -25.95 7.29 26.67
CA SER A 99 -24.78 7.30 27.53
C SER A 99 -24.07 8.65 27.42
N GLU A 100 -23.31 8.94 28.46
CA GLU A 100 -22.37 10.09 28.46
C GLU A 100 -21.03 9.61 28.98
N VAL A 101 -19.98 9.78 28.12
CA VAL A 101 -18.63 9.33 28.43
C VAL A 101 -17.67 10.48 28.21
N ILE A 102 -16.53 10.34 28.86
CA ILE A 102 -15.43 11.25 28.70
C ILE A 102 -14.22 10.53 28.02
N ILE A 103 -13.66 11.17 27.01
CA ILE A 103 -12.46 10.73 26.32
C ILE A 103 -11.49 11.92 26.18
N HIS A 104 -10.27 11.67 25.71
CA HIS A 104 -9.19 12.62 25.85
C HIS A 104 -8.35 12.62 24.57
N PRO A 105 -8.89 13.22 23.50
CA PRO A 105 -8.11 13.24 22.22
C PRO A 105 -6.70 13.86 22.34
N GLU A 106 -6.49 14.81 23.27
CA GLU A 106 -5.14 15.39 23.41
C GLU A 106 -4.07 14.41 23.79
N THR A 107 -4.42 13.34 24.51
CA THR A 107 -3.38 12.38 24.88
C THR A 107 -3.57 11.04 24.12
N ASN A 108 -4.32 11.12 23.03
CA ASN A 108 -4.54 9.90 22.25
C ASN A 108 -3.49 9.80 21.18
N TYR A 109 -2.37 9.18 21.52
CA TYR A 109 -1.26 9.10 20.59
C TYR A 109 -1.27 7.85 19.74
N ALA A 110 -2.23 6.97 19.94
CA ALA A 110 -2.38 5.78 19.11
C ALA A 110 -3.06 6.11 17.79
N LEU A 111 -3.65 7.30 17.75
CA LEU A 111 -4.29 7.82 16.53
C LEU A 111 -5.47 6.91 16.03
N THR A 112 -6.22 6.36 17.00
CA THR A 112 -7.43 5.61 16.69
C THR A 112 -8.54 6.13 17.59
N GLY A 113 -9.76 6.24 17.05
CA GLY A 113 -10.79 6.92 17.83
C GLY A 113 -10.74 8.44 17.53
N LEU A 114 -10.88 9.27 18.55
CA LEU A 114 -10.84 10.74 18.37
C LEU A 114 -9.48 11.21 18.92
N TYR A 115 -8.71 11.96 18.13
CA TYR A 115 -7.40 12.34 18.57
C TYR A 115 -7.01 13.73 18.06
N LYS A 116 -5.96 14.29 18.66
CA LYS A 116 -5.54 15.62 18.30
C LYS A 116 -4.26 15.46 17.45
N SER A 117 -4.27 16.06 16.24
CA SER A 117 -3.05 16.13 15.43
C SER A 117 -2.67 17.60 15.30
N LYS A 118 -1.60 17.96 16.01
CA LYS A 118 -1.15 19.37 16.06
C LYS A 118 -2.37 20.14 16.63
N ASN A 119 -2.98 21.05 15.87
CA ASN A 119 -4.12 21.80 16.43
C ASN A 119 -5.45 21.41 15.80
N ILE A 120 -5.49 20.23 15.15
CA ILE A 120 -6.75 19.72 14.58
C ILE A 120 -7.18 18.46 15.38
N ILE A 121 -8.49 18.35 15.66
CA ILE A 121 -9.09 17.16 16.27
C ILE A 121 -9.70 16.40 15.13
N VAL A 122 -9.47 15.08 15.09
CA VAL A 122 -9.84 14.32 13.92
C VAL A 122 -10.13 12.93 14.43
N SER A 123 -11.03 12.24 13.79
CA SER A 123 -11.32 10.81 14.12
C SER A 123 -10.67 9.85 13.10
N GLN A 124 -10.36 8.64 13.59
CA GLN A 124 -10.06 7.54 12.70
C GLN A 124 -10.77 6.32 13.25
N CYS A 125 -11.79 5.86 12.53
CA CYS A 125 -12.65 4.77 13.09
C CYS A 125 -12.40 3.38 12.47
N GLU A 126 -11.92 3.30 11.25
CA GLU A 126 -11.68 1.95 10.69
C GLU A 126 -10.40 1.33 11.38
N ALA A 127 -10.45 0.08 11.81
CA ALA A 127 -11.63 -0.79 11.71
C ALA A 127 -12.44 -0.78 13.00
N THR A 128 -11.74 -0.66 14.13
CA THR A 128 -12.45 -0.69 15.41
C THR A 128 -12.21 0.51 16.29
N GLY A 129 -12.16 1.68 15.67
CA GLY A 129 -11.95 2.91 16.42
C GLY A 129 -13.20 3.62 16.93
N PHE A 130 -14.40 3.27 16.41
CA PHE A 130 -15.61 3.99 16.84
C PHE A 130 -15.89 3.68 18.33
N ARG A 131 -15.57 2.46 18.74
CA ARG A 131 -15.73 2.08 20.15
C ARG A 131 -14.82 2.82 21.12
N ARG A 132 -13.85 3.56 20.60
CA ARG A 132 -13.03 4.46 21.45
C ARG A 132 -13.64 5.83 21.61
N ILE A 133 -14.76 6.07 20.89
CA ILE A 133 -15.42 7.37 20.95
C ILE A 133 -16.68 7.25 21.81
N THR A 134 -17.46 6.20 21.58
CA THR A 134 -18.66 5.93 22.36
C THR A 134 -19.04 4.43 22.28
N PHE A 135 -20.01 3.97 23.09
CA PHE A 135 -20.46 2.57 23.05
C PHE A 135 -21.15 2.25 21.73
N PHE A 136 -20.89 1.07 21.20
CA PHE A 136 -21.55 0.68 19.96
C PHE A 136 -21.38 -0.85 19.75
N ILE A 137 -22.17 -1.39 18.86
CA ILE A 137 -21.92 -2.77 18.44
C ILE A 137 -21.07 -2.58 17.21
N ASP A 138 -19.78 -2.47 17.48
CA ASP A 138 -18.81 -1.89 16.52
C ASP A 138 -18.38 -2.95 15.52
N ARG A 139 -19.23 -3.15 14.52
CA ARG A 139 -18.99 -4.16 13.47
C ARG A 139 -19.74 -3.70 12.20
N PRO A 140 -19.18 -3.96 10.99
CA PRO A 140 -19.65 -3.18 9.84
C PRO A 140 -21.04 -3.58 9.35
N ASP A 141 -21.63 -4.63 9.90
CA ASP A 141 -22.96 -5.00 9.42
C ASP A 141 -24.04 -4.29 10.24
N MET A 142 -23.63 -3.53 11.28
CA MET A 142 -24.61 -2.74 12.05
C MET A 142 -24.81 -1.38 11.39
N MET A 143 -25.79 -1.29 10.48
CA MET A 143 -25.99 -0.08 9.71
C MET A 143 -26.98 0.85 10.38
N ALA A 144 -26.68 2.13 10.45
CA ALA A 144 -27.55 3.09 11.15
C ALA A 144 -27.55 4.46 10.46
N LYS A 145 -28.58 5.28 10.78
CA LYS A 145 -28.58 6.69 10.46
C LYS A 145 -27.85 7.51 11.55
N TYR A 146 -27.25 8.64 11.17
CA TYR A 146 -26.43 9.42 12.08
C TYR A 146 -26.83 10.90 12.08
N ASP A 147 -27.00 11.45 13.28
CA ASP A 147 -27.28 12.88 13.43
C ASP A 147 -26.28 13.33 14.46
N VAL A 148 -25.34 14.15 14.03
CA VAL A 148 -24.16 14.45 14.87
C VAL A 148 -24.01 15.96 15.11
N THR A 149 -23.88 16.35 16.37
CA THR A 149 -23.61 17.73 16.75
C THR A 149 -22.22 17.80 17.35
N VAL A 150 -21.44 18.80 16.95
CA VAL A 150 -20.14 18.98 17.51
C VAL A 150 -20.07 20.43 18.03
N THR A 151 -19.51 20.60 19.21
CA THR A 151 -19.25 21.94 19.75
C THR A 151 -17.81 22.08 20.23
N ALA A 152 -17.32 23.31 20.23
CA ALA A 152 -15.92 23.55 20.49
C ALA A 152 -15.69 25.05 20.69
N ASP A 153 -14.51 25.36 21.21
CA ASP A 153 -14.02 26.76 21.20
C ASP A 153 -13.96 27.30 19.76
N LYS A 154 -14.63 28.42 19.49
CA LYS A 154 -14.74 28.93 18.12
C LYS A 154 -13.40 29.46 17.58
N GLU A 155 -12.64 30.20 18.40
CA GLU A 155 -11.31 30.70 17.97
C GLU A 155 -10.35 29.57 17.62
N LYS A 156 -10.27 28.53 18.46
CA LYS A 156 -9.36 27.38 18.19
C LYS A 156 -9.91 26.45 17.10
N TYR A 157 -11.23 26.26 17.09
CA TYR A 157 -11.87 25.32 16.13
C TYR A 157 -13.01 25.93 15.29
N PRO A 158 -12.71 26.88 14.39
CA PRO A 158 -13.71 27.58 13.57
C PRO A 158 -14.40 26.68 12.51
N VAL A 159 -13.68 25.65 12.04
CA VAL A 159 -14.19 24.72 11.01
C VAL A 159 -14.56 23.39 11.65
N LEU A 160 -15.86 23.05 11.57
CA LEU A 160 -16.41 21.82 12.15
C LEU A 160 -17.03 20.99 11.03
N LEU A 161 -16.65 19.71 10.94
CA LEU A 161 -17.10 18.88 9.82
C LEU A 161 -17.44 17.50 10.36
N SER A 162 -18.48 16.94 9.79
CA SER A 162 -18.87 15.55 9.94
C SER A 162 -19.55 15.11 8.65
N ASN A 163 -20.06 13.88 8.59
CA ASN A 163 -20.74 13.31 7.44
C ASN A 163 -22.11 13.96 7.25
N GLY A 164 -22.52 14.08 5.99
CA GLY A 164 -23.88 14.46 5.66
C GLY A 164 -23.99 15.93 5.49
N ASP A 165 -25.20 16.44 5.61
CA ASP A 165 -25.49 17.86 5.41
C ASP A 165 -25.30 18.63 6.68
N LYS A 166 -24.66 19.81 6.61
CA LYS A 166 -24.59 20.66 7.80
C LYS A 166 -25.95 21.36 7.91
N VAL A 167 -26.71 21.12 8.96
CA VAL A 167 -28.14 21.58 8.95
C VAL A 167 -28.38 22.71 9.89
N ASN A 168 -27.47 22.91 10.86
CA ASN A 168 -27.59 24.03 11.83
C ASN A 168 -26.19 24.44 12.30
N GLU A 169 -26.01 25.74 12.53
CA GLU A 169 -24.76 26.30 13.06
C GLU A 169 -25.22 27.24 14.18
N PHE A 170 -24.58 27.20 15.33
CA PHE A 170 -25.07 28.01 16.46
C PHE A 170 -24.01 28.49 17.40
N GLU A 171 -24.20 29.70 17.98
CA GLU A 171 -23.29 30.22 18.96
C GLU A 171 -23.61 29.65 20.33
N ILE A 172 -22.59 29.54 21.21
CA ILE A 172 -22.74 29.01 22.56
C ILE A 172 -21.98 29.98 23.48
N PRO A 173 -22.51 30.28 24.70
CA PRO A 173 -21.85 31.27 25.58
C PRO A 173 -20.51 30.75 26.03
N GLY A 174 -19.57 31.67 26.24
CA GLY A 174 -18.21 31.29 26.64
C GLY A 174 -17.26 31.15 25.46
N GLY A 175 -17.61 31.73 24.33
CA GLY A 175 -16.72 31.76 23.17
C GLY A 175 -16.80 30.45 22.36
N ARG A 176 -17.85 29.66 22.55
CA ARG A 176 -17.98 28.36 21.86
C ARG A 176 -18.96 28.45 20.69
N HIS A 177 -18.97 27.42 19.83
CA HIS A 177 -20.00 27.34 18.80
C HIS A 177 -20.25 25.85 18.48
N GLY A 178 -21.23 25.61 17.63
CA GLY A 178 -21.70 24.24 17.42
C GLY A 178 -22.17 24.12 15.99
N ALA A 179 -22.18 22.89 15.49
CA ALA A 179 -22.70 22.61 14.16
C ALA A 179 -23.32 21.24 14.22
N ARG A 180 -24.48 21.10 13.57
CA ARG A 180 -25.21 19.84 13.53
C ARG A 180 -25.15 19.32 12.12
N PHE A 181 -24.87 18.01 12.00
CA PHE A 181 -24.77 17.35 10.70
C PHE A 181 -25.72 16.17 10.69
N ASN A 182 -26.60 16.08 9.68
CA ASN A 182 -27.47 14.96 9.64
C ASN A 182 -27.22 14.17 8.38
N ASP A 183 -27.05 12.85 8.55
CA ASP A 183 -26.66 11.96 7.45
C ASP A 183 -27.67 10.81 7.37
N PRO A 184 -28.77 11.04 6.65
CA PRO A 184 -29.83 10.02 6.72
C PRO A 184 -29.54 8.65 6.11
N PRO A 185 -28.75 8.56 5.02
CA PRO A 185 -28.50 7.23 4.46
C PRO A 185 -27.74 6.33 5.45
N LEU A 186 -28.12 5.04 5.48
CA LEU A 186 -27.48 4.10 6.43
C LEU A 186 -26.01 3.99 6.21
N LYS A 187 -25.24 3.79 7.29
CA LYS A 187 -23.78 3.48 7.05
C LYS A 187 -23.29 2.70 8.20
N PRO A 188 -22.16 1.95 8.03
CA PRO A 188 -21.49 1.35 9.21
C PRO A 188 -20.71 2.40 10.02
N CYS A 189 -20.47 2.11 11.29
CA CYS A 189 -19.84 3.08 12.17
C CYS A 189 -18.39 3.41 11.80
N TYR A 190 -17.71 2.49 11.10
CA TYR A 190 -16.34 2.81 10.72
C TYR A 190 -16.21 3.97 9.71
N LEU A 191 -17.30 4.34 9.07
CA LEU A 191 -17.29 5.42 8.11
C LEU A 191 -17.76 6.75 8.72
N PHE A 192 -18.10 6.75 9.99
CA PHE A 192 -18.28 8.02 10.72
C PHE A 192 -16.97 8.78 10.80
N ALA A 193 -17.02 10.13 10.63
CA ALA A 193 -15.86 10.96 10.96
C ALA A 193 -16.30 12.34 11.45
N VAL A 194 -15.41 12.96 12.20
CA VAL A 194 -15.57 14.33 12.61
C VAL A 194 -14.21 15.00 12.50
N VAL A 195 -14.19 16.28 12.15
CA VAL A 195 -12.96 17.05 12.11
C VAL A 195 -13.30 18.43 12.73
N ALA A 196 -12.41 18.95 13.58
CA ALA A 196 -12.55 20.35 14.06
C ALA A 196 -11.19 21.01 13.99
N GLY A 197 -11.13 22.24 13.47
CA GLY A 197 -9.86 22.92 13.38
C GLY A 197 -9.91 24.28 12.73
N ASP A 198 -8.75 24.94 12.69
CA ASP A 198 -8.65 26.23 12.02
C ASP A 198 -8.19 25.96 10.60
N LEU A 199 -9.08 25.38 9.84
CA LEU A 199 -8.67 24.82 8.53
C LEU A 199 -8.90 25.81 7.45
N LYS A 200 -8.00 25.84 6.45
CA LYS A 200 -8.16 26.71 5.27
C LYS A 200 -8.40 25.78 4.10
N HIS A 201 -8.97 26.30 3.02
CA HIS A 201 -9.35 25.37 1.93
C HIS A 201 -9.16 25.96 0.56
N LEU A 202 -9.13 25.08 -0.43
CA LEU A 202 -9.48 25.35 -1.82
C LEU A 202 -10.77 24.64 -2.19
N SER A 203 -11.50 25.14 -3.20
CA SER A 203 -12.72 24.47 -3.55
C SER A 203 -13.00 24.62 -5.04
N ALA A 204 -13.83 23.71 -5.55
CA ALA A 204 -14.31 23.76 -6.92
C ALA A 204 -15.70 23.12 -7.05
N THR A 205 -16.41 23.40 -8.14
CA THR A 205 -17.63 22.70 -8.41
C THR A 205 -17.41 21.72 -9.56
N TYR A 206 -17.87 20.49 -9.39
CA TYR A 206 -17.86 19.46 -10.42
C TYR A 206 -19.29 19.16 -10.85
N ILE A 207 -19.51 19.06 -12.17
CA ILE A 207 -20.85 18.76 -12.63
C ILE A 207 -20.82 17.35 -13.17
N THR A 208 -21.70 16.47 -12.67
CA THR A 208 -21.63 15.02 -13.03
C THR A 208 -22.03 14.82 -14.52
N LYS A 209 -21.62 13.70 -15.07
CA LYS A 209 -21.71 13.44 -16.51
C LYS A 209 -23.14 13.24 -16.99
N TYR A 210 -23.94 12.54 -16.20
CA TYR A 210 -25.27 12.07 -16.64
C TYR A 210 -26.48 12.79 -16.03
N THR A 211 -26.49 12.95 -14.72
CA THR A 211 -27.56 13.63 -14.04
C THR A 211 -27.27 15.13 -13.94
N LYS A 212 -26.05 15.56 -14.30
CA LYS A 212 -25.65 16.98 -14.25
C LYS A 212 -25.78 17.59 -12.85
N LYS A 213 -25.57 16.77 -11.82
CA LYS A 213 -25.62 17.26 -10.43
C LYS A 213 -24.40 18.12 -10.13
N LYS A 214 -24.59 19.27 -9.46
CA LYS A 214 -23.45 20.05 -8.99
C LYS A 214 -22.91 19.42 -7.70
N VAL A 215 -21.61 19.12 -7.70
CA VAL A 215 -20.98 18.63 -6.51
C VAL A 215 -19.92 19.59 -6.06
N GLU A 216 -19.95 19.98 -4.79
CA GLU A 216 -18.98 20.90 -4.26
C GLU A 216 -17.80 20.11 -3.73
N LEU A 217 -16.58 20.44 -4.16
CA LEU A 217 -15.34 19.77 -3.70
C LEU A 217 -14.55 20.72 -2.87
N TYR A 218 -14.21 20.35 -1.61
CA TYR A 218 -13.41 21.15 -0.71
C TYR A 218 -12.17 20.36 -0.32
N VAL A 219 -11.01 20.99 -0.37
CA VAL A 219 -9.79 20.35 0.16
C VAL A 219 -9.23 21.23 1.25
N PHE A 220 -8.89 20.66 2.39
CA PHE A 220 -8.55 21.43 3.59
C PHE A 220 -7.19 21.10 4.12
N SER A 221 -6.50 22.09 4.70
CA SER A 221 -5.30 21.81 5.50
C SER A 221 -5.14 22.93 6.54
N GLU A 222 -4.14 22.83 7.40
CA GLU A 222 -3.75 23.99 8.23
C GLU A 222 -3.34 25.14 7.33
N GLU A 223 -3.40 26.35 7.87
CA GLU A 223 -3.13 27.55 7.08
C GLU A 223 -1.76 27.60 6.42
N LYS A 224 -0.73 27.11 7.12
CA LYS A 224 0.65 27.12 6.60
C LYS A 224 0.78 26.48 5.24
N TYR A 225 -0.01 25.42 5.01
CA TYR A 225 0.21 24.58 3.84
C TYR A 225 -0.89 24.63 2.80
N VAL A 226 -1.83 25.56 2.93
CA VAL A 226 -3.04 25.57 2.11
C VAL A 226 -2.70 25.65 0.58
N SER A 227 -1.59 26.26 0.24
CA SER A 227 -1.22 26.39 -1.15
C SER A 227 -0.54 25.13 -1.72
N LYS A 228 -0.51 24.07 -0.90
CA LYS A 228 -0.07 22.76 -1.40
C LYS A 228 -1.22 21.88 -1.77
N LEU A 229 -2.44 22.41 -1.75
CA LEU A 229 -3.67 21.60 -1.97
C LEU A 229 -4.11 21.49 -3.43
N GLN A 230 -3.47 22.24 -4.32
CA GLN A 230 -4.08 22.36 -5.68
C GLN A 230 -4.03 21.05 -6.46
N TRP A 231 -2.90 20.33 -6.36
CA TRP A 231 -2.79 19.04 -7.09
C TRP A 231 -3.84 18.08 -6.62
N ALA A 232 -4.04 17.97 -5.29
CA ALA A 232 -5.07 17.06 -4.77
C ALA A 232 -6.46 17.36 -5.40
N LEU A 233 -6.79 18.67 -5.54
CA LEU A 233 -8.12 19.04 -6.08
C LEU A 233 -8.18 18.57 -7.54
N GLU A 234 -7.08 18.76 -8.29
CA GLU A 234 -7.04 18.29 -9.70
C GLU A 234 -7.18 16.78 -9.76
N CYS A 235 -6.49 16.08 -8.83
CA CYS A 235 -6.63 14.61 -8.79
C CYS A 235 -8.06 14.16 -8.51
N LEU A 236 -8.76 14.84 -7.58
CA LEU A 236 -10.13 14.51 -7.24
C LEU A 236 -11.02 14.66 -8.49
N LYS A 237 -10.87 15.77 -9.21
CA LYS A 237 -11.65 15.90 -10.49
C LYS A 237 -11.37 14.74 -11.46
N LYS A 238 -10.09 14.38 -11.63
CA LYS A 238 -9.74 13.28 -12.52
C LYS A 238 -10.37 11.95 -12.10
N SER A 239 -10.40 11.74 -10.78
CA SER A 239 -10.89 10.50 -10.20
CA SER A 239 -10.92 10.50 -10.18
C SER A 239 -12.41 10.40 -10.48
N MET A 240 -13.11 11.51 -10.29
CA MET A 240 -14.58 11.52 -10.56
C MET A 240 -14.87 11.20 -12.03
N ALA A 241 -14.10 11.86 -12.90
CA ALA A 241 -14.20 11.68 -14.36
C ALA A 241 -13.95 10.27 -14.76
N PHE A 242 -12.93 9.66 -14.15
CA PHE A 242 -12.60 8.29 -14.54
C PHE A 242 -13.69 7.30 -14.11
N ASP A 243 -14.21 7.45 -12.92
CA ASP A 243 -15.29 6.51 -12.50
C ASP A 243 -16.50 6.70 -13.48
N GLU A 244 -16.72 7.93 -13.90
CA GLU A 244 -17.77 8.19 -14.87
C GLU A 244 -17.49 7.51 -16.19
N ASP A 245 -16.28 7.73 -16.71
CA ASP A 245 -15.88 7.27 -18.03
C ASP A 245 -15.70 5.76 -18.19
N TYR A 246 -15.00 5.13 -17.23
CA TYR A 246 -14.72 3.73 -17.35
C TYR A 246 -15.91 2.95 -16.80
N PHE A 247 -16.40 3.32 -15.64
CA PHE A 247 -17.45 2.53 -15.00
C PHE A 247 -18.89 3.02 -15.09
N GLY A 248 -19.07 4.24 -15.60
CA GLY A 248 -20.41 4.87 -15.71
C GLY A 248 -20.97 5.28 -14.35
N LEU A 249 -20.08 5.52 -13.38
CA LEU A 249 -20.51 5.78 -12.01
C LEU A 249 -20.34 7.25 -11.60
N GLU A 250 -21.40 7.89 -11.09
CA GLU A 250 -21.36 9.30 -10.68
C GLU A 250 -21.39 9.38 -9.18
N TYR A 251 -20.87 10.47 -8.62
CA TYR A 251 -20.94 10.72 -7.16
C TYR A 251 -22.39 11.08 -6.83
N ASP A 252 -22.84 10.58 -5.67
CA ASP A 252 -24.25 10.57 -5.31
C ASP A 252 -24.58 11.74 -4.33
N LEU A 253 -23.54 12.38 -3.79
CA LEU A 253 -23.76 13.40 -2.64
C LEU A 253 -23.50 14.83 -3.08
N SER A 254 -23.86 15.85 -2.28
CA SER A 254 -23.72 17.18 -2.82
C SER A 254 -22.34 17.81 -2.54
N ARG A 255 -21.53 17.15 -1.69
CA ARG A 255 -20.24 17.73 -1.38
C ARG A 255 -19.31 16.57 -1.05
N LEU A 256 -18.05 16.76 -1.37
CA LEU A 256 -16.96 15.84 -0.95
C LEU A 256 -15.85 16.70 -0.32
N ASN A 257 -15.52 16.47 0.97
CA ASN A 257 -14.42 17.11 1.63
C ASN A 257 -13.19 16.18 1.74
N LEU A 258 -12.00 16.72 1.44
CA LEU A 258 -10.72 16.01 1.72
C LEU A 258 -9.98 16.84 2.73
N VAL A 259 -9.40 16.19 3.77
CA VAL A 259 -8.71 16.93 4.84
C VAL A 259 -7.34 16.29 5.10
N ALA A 260 -6.28 17.10 5.14
CA ALA A 260 -4.89 16.69 5.41
C ALA A 260 -4.63 16.84 6.89
N VAL A 261 -4.12 15.80 7.55
CA VAL A 261 -3.64 15.92 8.96
C VAL A 261 -2.20 15.40 9.04
N SER A 262 -1.50 15.96 9.99
CA SER A 262 -0.05 15.67 10.07
C SER A 262 0.26 14.29 10.71
N ASP A 263 -0.56 13.86 11.66
CA ASP A 263 -0.35 12.62 12.39
C ASP A 263 -1.39 11.59 11.90
N PHE A 264 -0.92 10.59 11.13
CA PHE A 264 -1.87 9.64 10.53
C PHE A 264 -1.12 8.32 10.29
N ASN A 265 -1.82 7.21 10.36
CA ASN A 265 -1.19 5.87 10.38
C ASN A 265 -0.85 5.11 9.07
N VAL A 266 -1.00 5.71 7.87
CA VAL A 266 -0.48 5.34 6.48
C VAL A 266 -1.54 5.52 5.34
N GLY A 267 -1.36 6.39 4.38
CA GLY A 267 -2.37 6.59 3.38
C GLY A 267 -3.51 7.53 3.79
N ALA A 268 -4.74 7.06 3.75
CA ALA A 268 -5.91 7.91 3.99
C ALA A 268 -7.13 7.11 4.44
N MET A 269 -8.31 7.71 4.48
CA MET A 269 -9.49 6.98 5.00
C MET A 269 -10.72 7.51 4.33
N GLU A 270 -11.54 6.61 3.81
CA GLU A 270 -12.73 6.94 3.00
C GLU A 270 -14.04 7.28 3.76
N ASN A 271 -13.96 7.99 4.88
CA ASN A 271 -15.26 8.30 5.61
C ASN A 271 -16.17 9.02 4.66
N LYS A 272 -17.47 8.71 4.71
CA LYS A 272 -18.37 9.07 3.58
C LYS A 272 -18.51 10.60 3.44
N GLY A 273 -18.19 11.11 2.24
CA GLY A 273 -18.06 12.57 2.01
C GLY A 273 -17.05 13.39 2.78
N LEU A 274 -16.25 12.72 3.63
CA LEU A 274 -15.30 13.40 4.54
C LEU A 274 -14.01 12.55 4.58
N ASN A 275 -13.25 12.54 3.49
CA ASN A 275 -12.04 11.68 3.39
C ASN A 275 -10.91 12.35 4.12
N ILE A 276 -10.19 11.61 4.98
CA ILE A 276 -9.11 12.23 5.75
C ILE A 276 -7.80 11.57 5.35
N PHE A 277 -6.75 12.37 5.19
CA PHE A 277 -5.49 11.87 4.63
C PHE A 277 -4.29 12.19 5.53
N ASN A 278 -3.32 11.26 5.51
CA ASN A 278 -1.96 11.65 5.85
C ASN A 278 -1.56 12.84 5.00
N ALA A 279 -1.05 13.90 5.64
CA ALA A 279 -0.63 15.07 4.88
C ALA A 279 0.32 14.68 3.71
N ASN A 280 1.15 13.64 3.91
CA ASN A 280 2.13 13.26 2.84
C ASN A 280 1.45 12.69 1.62
N SER A 281 0.14 12.39 1.69
CA SER A 281 -0.57 11.83 0.56
C SER A 281 -1.67 12.78 0.06
N LEU A 282 -1.60 14.06 0.51
CA LEU A 282 -2.53 15.10 -0.04
C LEU A 282 -1.83 16.40 -0.48
N LEU A 283 -0.71 16.75 0.16
CA LEU A 283 -0.08 18.07 -0.04
C LEU A 283 1.17 17.93 -0.87
N ALA A 284 1.31 18.79 -1.89
CA ALA A 284 2.55 18.87 -2.65
C ALA A 284 2.68 20.26 -3.25
N SER A 285 3.93 20.66 -3.50
CA SER A 285 4.19 21.79 -4.37
C SER A 285 5.47 21.47 -5.16
N LYS A 286 5.69 22.17 -6.27
CA LYS A 286 6.89 21.89 -7.05
C LYS A 286 8.16 22.26 -6.27
N LYS A 287 8.09 23.33 -5.47
CA LYS A 287 9.20 23.73 -4.67
C LYS A 287 9.57 22.91 -3.45
N ASN A 288 8.56 22.35 -2.76
CA ASN A 288 8.77 21.72 -1.50
C ASN A 288 8.39 20.21 -1.45
N SER A 289 8.30 19.58 -2.64
CA SER A 289 7.95 18.12 -2.66
C SER A 289 8.86 17.43 -3.66
N ILE A 290 9.20 16.16 -3.36
CA ILE A 290 9.89 15.41 -4.39
C ILE A 290 8.85 14.94 -5.42
N ASP A 291 9.30 14.47 -6.58
CA ASP A 291 8.43 14.07 -7.66
C ASP A 291 7.48 12.94 -7.27
N PHE A 292 7.94 12.05 -6.40
CA PHE A 292 7.13 10.88 -6.00
C PHE A 292 5.78 11.30 -5.37
N SER A 293 5.72 12.48 -4.74
CA SER A 293 4.51 12.99 -4.13
C SER A 293 3.36 13.14 -5.14
N TYR A 294 3.69 13.48 -6.37
CA TYR A 294 2.68 13.71 -7.36
C TYR A 294 1.92 12.42 -7.70
N ALA A 295 2.64 11.34 -8.01
CA ALA A 295 1.98 10.02 -8.21
C ALA A 295 1.29 9.54 -6.93
N ARG A 296 1.91 9.76 -5.78
CA ARG A 296 1.32 9.30 -4.50
C ARG A 296 -0.01 9.94 -4.24
N ILE A 297 -0.10 11.27 -4.42
CA ILE A 297 -1.37 11.97 -4.18
C ILE A 297 -2.41 11.53 -5.21
N LEU A 298 -2.01 11.33 -6.47
CA LEU A 298 -2.98 10.89 -7.45
C LEU A 298 -3.58 9.49 -7.06
N THR A 299 -2.71 8.60 -6.55
CA THR A 299 -3.07 7.26 -6.19
C THR A 299 -3.99 7.27 -4.97
N VAL A 300 -3.65 8.10 -3.98
CA VAL A 300 -4.38 8.00 -2.72
C VAL A 300 -5.72 8.74 -2.81
N VAL A 301 -5.69 9.94 -3.43
CA VAL A 301 -7.02 10.62 -3.70
C VAL A 301 -7.93 9.74 -4.55
N GLY A 302 -7.39 9.15 -5.60
CA GLY A 302 -8.18 8.26 -6.43
C GLY A 302 -8.72 7.06 -5.62
N HIS A 303 -7.84 6.39 -4.87
CA HIS A 303 -8.24 5.26 -4.08
C HIS A 303 -9.42 5.63 -3.13
N GLU A 304 -9.28 6.72 -2.37
CA GLU A 304 -10.35 7.08 -1.43
C GLU A 304 -11.64 7.45 -2.18
N TYR A 305 -11.48 8.07 -3.36
CA TYR A 305 -12.66 8.38 -4.19
C TYR A 305 -13.37 7.10 -4.66
N PHE A 306 -12.58 6.16 -5.15
CA PHE A 306 -13.16 4.92 -5.64
C PHE A 306 -13.89 4.09 -4.56
N HIS A 307 -13.49 4.24 -3.30
CA HIS A 307 -14.14 3.58 -2.19
C HIS A 307 -15.59 4.04 -2.10
N GLN A 308 -15.95 5.24 -2.64
CA GLN A 308 -17.33 5.65 -2.42
C GLN A 308 -18.30 4.57 -2.95
N TYR A 309 -17.98 3.93 -4.11
CA TYR A 309 -18.76 2.73 -4.50
C TYR A 309 -18.23 1.43 -3.89
N THR A 310 -16.90 1.19 -3.94
CA THR A 310 -16.39 -0.11 -3.51
C THR A 310 -15.89 0.02 -2.09
N GLY A 311 -16.86 0.03 -1.18
CA GLY A 311 -16.60 0.11 0.26
C GLY A 311 -17.75 0.85 0.94
N ASN A 312 -18.23 1.96 0.33
CA ASN A 312 -19.18 2.84 1.05
C ASN A 312 -20.63 2.62 0.56
N ARG A 313 -20.84 2.43 -0.72
CA ARG A 313 -22.19 2.10 -1.21
C ARG A 313 -22.40 0.61 -1.23
N VAL A 314 -21.35 -0.16 -1.62
CA VAL A 314 -21.49 -1.64 -1.47
C VAL A 314 -20.56 -1.91 -0.32
N THR A 315 -21.11 -2.39 0.79
CA THR A 315 -20.37 -2.44 2.02
C THR A 315 -19.92 -3.87 2.39
N LEU A 316 -19.10 -4.00 3.44
CA LEU A 316 -18.70 -5.36 3.88
C LEU A 316 -19.60 -5.93 4.97
N ARG A 317 -19.81 -7.22 4.87
CA ARG A 317 -20.57 -7.91 5.85
C ARG A 317 -19.79 -8.05 7.15
N ASP A 318 -18.47 -8.26 7.08
CA ASP A 318 -17.66 -8.56 8.27
C ASP A 318 -16.24 -8.30 7.73
N TRP A 319 -15.32 -8.21 8.66
CA TRP A 319 -13.95 -7.79 8.34
C TRP A 319 -13.20 -8.84 7.56
N PHE A 320 -13.59 -10.11 7.62
CA PHE A 320 -13.00 -11.13 6.73
C PHE A 320 -13.10 -10.84 5.26
N GLN A 321 -14.11 -10.07 4.88
CA GLN A 321 -14.29 -9.66 3.50
C GLN A 321 -13.43 -8.41 3.12
N LEU A 322 -12.45 -8.02 3.93
CA LEU A 322 -11.75 -6.75 3.72
C LEU A 322 -11.25 -6.60 2.27
N THR A 323 -10.75 -7.69 1.71
CA THR A 323 -10.10 -7.66 0.33
C THR A 323 -11.16 -7.29 -0.74
N LEU A 324 -12.43 -7.61 -0.45
CA LEU A 324 -13.50 -7.18 -1.37
C LEU A 324 -13.55 -5.68 -1.54
N LYS A 325 -13.34 -4.90 -0.49
CA LYS A 325 -13.22 -3.44 -0.75
C LYS A 325 -11.81 -3.02 -1.01
N GLU A 326 -10.81 -3.65 -0.37
CA GLU A 326 -9.49 -3.11 -0.57
C GLU A 326 -8.85 -3.61 -1.84
N GLY A 327 -8.91 -4.92 -2.09
CA GLY A 327 -8.30 -5.38 -3.36
C GLY A 327 -9.01 -4.76 -4.56
N LEU A 328 -10.34 -4.66 -4.50
CA LEU A 328 -11.07 -4.06 -5.65
C LEU A 328 -10.78 -2.54 -5.81
N THR A 329 -10.63 -1.82 -4.69
CA THR A 329 -10.30 -0.37 -4.76
C THR A 329 -8.90 -0.16 -5.22
N VAL A 330 -7.96 -1.02 -4.79
CA VAL A 330 -6.58 -0.90 -5.29
C VAL A 330 -6.58 -1.18 -6.85
N HIS A 331 -7.38 -2.15 -7.31
CA HIS A 331 -7.45 -2.43 -8.73
C HIS A 331 -8.04 -1.24 -9.47
N ARG A 332 -9.12 -0.66 -8.96
CA ARG A 332 -9.69 0.53 -9.60
C ARG A 332 -8.70 1.71 -9.61
N GLU A 333 -7.99 1.91 -8.50
CA GLU A 333 -6.87 2.89 -8.34
CA GLU A 333 -6.96 2.98 -8.47
C GLU A 333 -5.79 2.68 -9.42
N ASN A 334 -5.41 1.41 -9.62
CA ASN A 334 -4.35 1.08 -10.57
C ASN A 334 -4.79 1.33 -12.00
N LEU A 335 -6.03 0.95 -12.36
CA LEU A 335 -6.55 1.24 -13.72
C LEU A 335 -6.52 2.80 -13.95
N PHE A 336 -6.95 3.54 -12.94
CA PHE A 336 -6.97 5.03 -12.99
C PHE A 336 -5.54 5.62 -13.15
N SER A 337 -4.59 5.18 -12.31
CA SER A 337 -3.26 5.70 -12.42
C SER A 337 -2.60 5.36 -13.74
N GLU A 338 -2.79 4.13 -14.20
CA GLU A 338 -2.26 3.78 -15.50
C GLU A 338 -2.79 4.75 -16.57
N GLU A 339 -4.09 5.03 -16.55
CA GLU A 339 -4.70 5.85 -17.62
C GLU A 339 -4.25 7.32 -17.45
N MET A 340 -4.05 7.78 -16.20
CA MET A 340 -3.64 9.20 -15.95
C MET A 340 -2.18 9.46 -16.25
N THR A 341 -1.28 8.51 -15.92
CA THR A 341 0.15 8.78 -16.10
C THR A 341 0.59 8.46 -17.55
N LYS A 342 -0.13 7.54 -18.23
CA LYS A 342 0.28 7.02 -19.55
C LYS A 342 1.74 6.58 -19.63
N THR A 343 2.31 6.03 -18.57
CA THR A 343 3.68 5.64 -18.62
C THR A 343 3.68 4.13 -18.29
N VAL A 344 4.49 3.34 -18.96
CA VAL A 344 4.47 1.87 -18.67
C VAL A 344 5.04 1.59 -17.30
N THR A 345 5.80 2.53 -16.74
CA THR A 345 6.39 2.32 -15.38
C THR A 345 5.35 2.28 -14.21
N THR A 346 4.12 2.74 -14.45
CA THR A 346 3.11 2.72 -13.44
C THR A 346 2.78 1.23 -13.11
N ARG A 347 2.46 0.48 -14.14
CA ARG A 347 2.20 -0.99 -13.97
C ARG A 347 3.46 -1.63 -13.46
N LEU A 348 4.61 -1.33 -14.06
CA LEU A 348 5.85 -2.02 -13.59
C LEU A 348 6.05 -1.79 -12.10
N SER A 349 5.83 -0.54 -11.62
CA SER A 349 6.08 -0.24 -10.20
C SER A 349 5.17 -1.08 -9.29
N HIS A 350 3.94 -1.35 -9.74
CA HIS A 350 3.05 -2.18 -8.97
CA HIS A 350 3.02 -2.18 -8.94
C HIS A 350 3.49 -3.66 -8.87
N VAL A 351 3.95 -4.18 -10.00
CA VAL A 351 4.50 -5.53 -10.05
C VAL A 351 5.79 -5.58 -9.16
N ASP A 352 6.66 -4.55 -9.23
CA ASP A 352 7.93 -4.54 -8.51
C ASP A 352 7.63 -4.63 -7.01
N LEU A 353 6.60 -3.89 -6.57
CA LEU A 353 6.16 -3.91 -5.15
C LEU A 353 5.66 -5.32 -4.80
N LEU A 354 4.76 -5.87 -5.62
CA LEU A 354 4.13 -7.16 -5.29
C LEU A 354 5.22 -8.23 -5.14
N ARG A 355 6.08 -8.31 -6.15
CA ARG A 355 7.09 -9.43 -6.15
C ARG A 355 8.24 -9.28 -5.16
N SER A 356 8.41 -8.09 -4.57
CA SER A 356 9.38 -7.96 -3.51
C SER A 356 8.66 -8.09 -2.17
N VAL A 357 7.79 -7.15 -1.86
CA VAL A 357 7.23 -7.07 -0.52
C VAL A 357 6.18 -8.15 -0.31
N GLN A 358 5.22 -8.29 -1.24
CA GLN A 358 4.13 -9.24 -1.00
C GLN A 358 4.54 -10.66 -1.16
N PHE A 359 5.41 -10.95 -2.12
CA PHE A 359 5.91 -12.37 -2.19
C PHE A 359 6.73 -12.74 -0.94
N LEU A 360 7.48 -11.81 -0.37
CA LEU A 360 8.24 -12.11 0.84
C LEU A 360 7.20 -12.42 1.94
N GLU A 361 6.14 -11.64 2.03
CA GLU A 361 5.10 -11.92 3.05
C GLU A 361 4.53 -13.33 2.87
N ASP A 362 4.25 -13.68 1.61
CA ASP A 362 3.53 -14.88 1.33
C ASP A 362 4.41 -16.13 1.49
N SER A 363 5.73 -15.98 1.55
CA SER A 363 6.60 -17.17 1.84
C SER A 363 7.08 -17.12 3.33
N SER A 364 6.62 -16.11 4.09
CA SER A 364 6.95 -15.96 5.52
C SER A 364 5.96 -16.68 6.44
N PRO A 365 6.33 -16.81 7.74
CA PRO A 365 5.35 -17.35 8.70
C PRO A 365 4.03 -16.55 8.79
N LEU A 366 4.07 -15.31 8.32
CA LEU A 366 2.84 -14.46 8.29
C LEU A 366 1.94 -14.75 7.12
N SER A 367 2.33 -15.69 6.22
CA SER A 367 1.54 -15.93 4.98
C SER A 367 0.04 -16.17 5.30
N HIS A 368 -0.83 -15.51 4.55
CA HIS A 368 -2.29 -15.73 4.73
C HIS A 368 -2.94 -15.60 3.36
N PRO A 369 -4.14 -16.14 3.20
CA PRO A 369 -4.88 -15.87 1.94
C PRO A 369 -5.45 -14.45 1.98
N ILE A 370 -5.91 -13.99 0.84
CA ILE A 370 -6.41 -12.62 0.78
C ILE A 370 -7.75 -12.50 1.57
N ARG A 371 -8.43 -13.63 1.75
CA ARG A 371 -9.52 -13.68 2.79
C ARG A 371 -9.09 -14.63 3.95
N PRO A 372 -8.55 -14.09 4.99
CA PRO A 372 -8.07 -14.90 6.12
C PRO A 372 -9.19 -15.67 6.80
N GLU A 373 -8.81 -16.72 7.53
CA GLU A 373 -9.79 -17.56 8.21
C GLU A 373 -10.00 -17.16 9.66
N SER A 374 -9.09 -16.42 10.25
CA SER A 374 -9.15 -16.00 11.65
C SER A 374 -8.29 -14.77 11.88
N TYR A 375 -8.54 -14.00 12.92
CA TYR A 375 -7.66 -12.91 13.37
C TYR A 375 -7.81 -12.69 14.87
N VAL A 376 -6.83 -12.04 15.51
CA VAL A 376 -6.94 -11.49 16.87
C VAL A 376 -7.10 -9.98 16.80
N SER A 377 -6.21 -9.33 16.02
CA SER A 377 -6.23 -7.86 15.82
C SER A 377 -6.54 -7.58 14.35
N MET A 378 -7.70 -7.00 14.03
CA MET A 378 -7.95 -6.58 12.61
C MET A 378 -6.88 -5.55 12.15
N GLU A 379 -6.29 -4.84 13.11
CA GLU A 379 -5.18 -3.93 12.80
C GLU A 379 -4.00 -4.62 12.13
N ASN A 380 -3.82 -5.92 12.31
CA ASN A 380 -2.69 -6.53 11.66
C ASN A 380 -3.07 -7.12 10.31
N PHE A 381 -4.32 -6.96 9.89
CA PHE A 381 -4.65 -7.50 8.55
C PHE A 381 -4.87 -6.58 7.38
N TYR A 382 -4.37 -5.37 7.55
CA TYR A 382 -4.33 -4.41 6.44
C TYR A 382 -2.96 -4.57 5.77
N THR A 383 -2.83 -5.65 5.02
CA THR A 383 -1.50 -6.10 4.54
C THR A 383 -1.38 -6.00 3.06
N THR A 384 -0.11 -6.07 2.58
CA THR A 384 0.11 -6.14 1.11
C THR A 384 -0.59 -7.35 0.48
N THR A 385 -0.75 -8.43 1.23
CA THR A 385 -1.46 -9.60 0.66
C THR A 385 -2.92 -9.20 0.39
N VAL A 386 -3.59 -8.69 1.42
CA VAL A 386 -5.00 -8.31 1.27
C VAL A 386 -5.21 -7.20 0.22
N TYR A 387 -4.32 -6.20 0.24
CA TYR A 387 -4.42 -5.14 -0.73
C TYR A 387 -3.88 -5.45 -2.11
N ASP A 388 -2.61 -5.85 -2.16
CA ASP A 388 -1.90 -5.89 -3.52
C ASP A 388 -2.10 -7.24 -4.19
N LYS A 389 -1.98 -8.35 -3.44
CA LYS A 389 -2.39 -9.59 -4.11
C LYS A 389 -3.90 -9.57 -4.36
N GLY A 390 -4.67 -9.02 -3.41
CA GLY A 390 -6.12 -8.89 -3.64
C GLY A 390 -6.35 -8.09 -4.97
N SER A 391 -5.58 -7.04 -5.19
CA SER A 391 -5.74 -6.23 -6.43
CA SER A 391 -5.79 -6.25 -6.41
C SER A 391 -5.43 -7.08 -7.64
N GLU A 392 -4.39 -7.93 -7.54
CA GLU A 392 -4.03 -8.78 -8.73
C GLU A 392 -5.11 -9.81 -8.98
N VAL A 393 -5.73 -10.34 -7.90
CA VAL A 393 -6.90 -11.21 -8.08
C VAL A 393 -8.11 -10.50 -8.73
N MET A 394 -8.35 -9.27 -8.30
CA MET A 394 -9.42 -8.45 -8.91
C MET A 394 -9.08 -8.09 -10.35
N ARG A 395 -7.79 -7.87 -10.65
CA ARG A 395 -7.43 -7.54 -12.06
C ARG A 395 -7.51 -8.80 -12.96
N MET A 396 -7.29 -9.99 -12.42
CA MET A 396 -7.37 -11.21 -13.28
C MET A 396 -8.78 -11.37 -13.85
N TYR A 397 -9.84 -10.95 -13.13
CA TYR A 397 -11.15 -11.03 -13.76
C TYR A 397 -11.20 -10.17 -15.02
N LEU A 398 -10.56 -8.99 -14.99
CA LEU A 398 -10.55 -8.16 -16.23
C LEU A 398 -9.75 -8.87 -17.34
N THR A 399 -8.62 -9.49 -17.00
CA THR A 399 -7.82 -10.21 -18.00
C THR A 399 -8.59 -11.36 -18.65
N ILE A 400 -9.32 -12.08 -17.82
CA ILE A 400 -10.07 -13.28 -18.23
C ILE A 400 -11.24 -12.81 -19.08
N LEU A 401 -11.94 -11.76 -18.62
CA LEU A 401 -13.20 -11.35 -19.31
C LEU A 401 -13.03 -10.45 -20.48
N GLY A 402 -11.97 -9.63 -20.49
CA GLY A 402 -11.87 -8.49 -21.37
C GLY A 402 -12.71 -7.31 -20.89
N GLU A 403 -12.45 -6.15 -21.48
CA GLU A 403 -12.98 -4.90 -21.00
C GLU A 403 -14.51 -4.83 -21.05
N GLU A 404 -15.12 -5.18 -22.21
CA GLU A 404 -16.58 -5.14 -22.31
C GLU A 404 -17.29 -6.03 -21.31
N TYR A 405 -16.89 -7.31 -21.20
CA TYR A 405 -17.55 -8.19 -20.27
C TYR A 405 -17.17 -7.94 -18.81
N TYR A 406 -15.92 -7.50 -18.59
CA TYR A 406 -15.55 -7.08 -17.20
C TYR A 406 -16.51 -5.93 -16.75
N LYS A 407 -16.65 -4.89 -17.62
CA LYS A 407 -17.56 -3.78 -17.31
C LYS A 407 -18.97 -4.27 -17.04
N LYS A 408 -19.48 -5.24 -17.82
CA LYS A 408 -20.81 -5.80 -17.55
C LYS A 408 -20.92 -6.49 -16.24
N GLY A 409 -19.92 -7.32 -15.92
CA GLY A 409 -19.91 -8.00 -14.63
C GLY A 409 -19.82 -7.04 -13.46
N PHE A 410 -19.00 -6.02 -13.60
CA PHE A 410 -18.79 -5.06 -12.50
C PHE A 410 -20.13 -4.35 -12.28
N ASP A 411 -20.80 -4.01 -13.39
CA ASP A 411 -22.07 -3.26 -13.25
C ASP A 411 -23.14 -4.15 -12.63
N ILE A 412 -23.19 -5.43 -13.03
CA ILE A 412 -23.97 -6.45 -12.24
C ILE A 412 -23.70 -6.44 -10.74
N TYR A 413 -22.41 -6.41 -10.34
CA TYR A 413 -22.09 -6.39 -8.91
C TYR A 413 -22.66 -5.12 -8.25
N ILE A 414 -22.46 -3.97 -8.91
CA ILE A 414 -22.86 -2.69 -8.33
C ILE A 414 -24.39 -2.64 -8.22
N LYS A 415 -25.05 -2.95 -9.33
CA LYS A 415 -26.55 -2.85 -9.39
C LYS A 415 -27.17 -3.77 -8.36
N LYS A 416 -26.71 -5.00 -8.30
CA LYS A 416 -27.28 -5.94 -7.35
C LYS A 416 -26.94 -5.68 -5.88
N ASN A 417 -25.81 -5.02 -5.55
CA ASN A 417 -25.40 -4.95 -4.13
C ASN A 417 -25.35 -3.51 -3.57
N ASP A 418 -25.71 -2.53 -4.43
CA ASP A 418 -25.68 -1.10 -4.04
C ASP A 418 -26.60 -0.96 -2.81
N GLY A 419 -26.07 -0.40 -1.72
CA GLY A 419 -26.90 -0.15 -0.54
C GLY A 419 -26.98 -1.30 0.43
N ASN A 420 -26.26 -2.38 0.13
CA ASN A 420 -26.29 -3.59 0.93
C ASN A 420 -24.88 -4.10 1.25
N THR A 421 -24.78 -5.01 2.25
CA THR A 421 -23.47 -5.58 2.61
C THR A 421 -23.19 -6.66 1.59
N ALA A 422 -21.91 -7.05 1.46
CA ALA A 422 -21.55 -8.07 0.45
C ALA A 422 -20.37 -8.92 0.95
N THR A 423 -20.17 -10.04 0.27
CA THR A 423 -19.05 -10.93 0.63
C THR A 423 -18.29 -11.21 -0.69
N CYS A 424 -17.06 -11.77 -0.61
CA CYS A 424 -16.32 -12.10 -1.84
C CYS A 424 -17.08 -12.98 -2.84
N GLU A 425 -17.88 -13.93 -2.33
CA GLU A 425 -18.77 -14.72 -3.21
C GLU A 425 -19.68 -13.89 -4.11
N ASP A 426 -20.21 -12.78 -3.60
CA ASP A 426 -21.17 -11.95 -4.40
C ASP A 426 -20.42 -11.34 -5.59
N PHE A 427 -19.16 -10.96 -5.34
CA PHE A 427 -18.35 -10.47 -6.46
C PHE A 427 -18.07 -11.56 -7.49
N ASN A 428 -17.66 -12.72 -7.00
CA ASN A 428 -17.36 -13.80 -7.89
C ASN A 428 -18.59 -14.20 -8.67
N TYR A 429 -19.75 -14.20 -8.01
CA TYR A 429 -21.02 -14.49 -8.71
C TYR A 429 -21.26 -13.56 -9.87
N ALA A 430 -21.10 -12.26 -9.64
CA ALA A 430 -21.27 -11.26 -10.70
C ALA A 430 -20.35 -11.47 -11.88
N MET A 431 -19.06 -11.67 -11.62
CA MET A 431 -18.13 -11.99 -12.68
C MET A 431 -18.49 -13.31 -13.43
N GLU A 432 -18.95 -14.31 -12.68
CA GLU A 432 -19.38 -15.58 -13.31
C GLU A 432 -20.50 -15.32 -14.35
N GLN A 433 -21.48 -14.46 -14.01
CA GLN A 433 -22.60 -14.21 -14.91
C GLN A 433 -22.05 -13.63 -16.18
N ALA A 434 -21.08 -12.71 -16.06
CA ALA A 434 -20.37 -12.19 -17.22
C ALA A 434 -19.55 -13.25 -17.94
N TYR A 435 -19.05 -14.24 -17.19
CA TYR A 435 -18.21 -15.29 -17.78
C TYR A 435 -19.15 -16.21 -18.62
N LYS A 436 -20.31 -16.53 -18.06
CA LYS A 436 -21.37 -17.31 -18.77
C LYS A 436 -21.74 -16.62 -20.07
N MET A 437 -22.06 -15.32 -20.01
CA MET A 437 -22.28 -14.54 -21.21
C MET A 437 -21.12 -14.59 -22.21
N LYS A 438 -19.88 -14.42 -21.73
CA LYS A 438 -18.70 -14.36 -22.61
C LYS A 438 -18.44 -15.68 -23.35
N LYS A 439 -18.54 -16.79 -22.62
CA LYS A 439 -18.30 -18.11 -23.19
C LYS A 439 -19.50 -18.53 -24.06
N ALA A 440 -20.60 -17.77 -23.98
CA ALA A 440 -21.87 -18.20 -24.52
C ALA A 440 -22.21 -19.60 -24.02
N ASP A 441 -22.09 -19.85 -22.73
CA ASP A 441 -22.59 -21.11 -22.18
C ASP A 441 -22.82 -21.12 -20.66
N ASN A 442 -24.11 -21.24 -20.32
CA ASN A 442 -24.63 -21.05 -18.98
C ASN A 442 -24.26 -22.17 -18.01
N SER A 443 -23.50 -23.14 -18.51
CA SER A 443 -22.96 -24.18 -17.64
C SER A 443 -21.55 -23.82 -17.15
N ALA A 444 -20.95 -22.76 -17.73
CA ALA A 444 -19.59 -22.31 -17.36
C ALA A 444 -19.66 -21.64 -16.00
N ASN A 445 -18.64 -21.90 -15.18
CA ASN A 445 -18.61 -21.28 -13.87
C ASN A 445 -17.20 -20.87 -13.47
N LEU A 446 -17.14 -20.11 -12.38
CA LEU A 446 -15.87 -19.72 -11.76
C LEU A 446 -15.70 -20.29 -10.41
N ASN A 447 -16.20 -21.51 -10.13
CA ASN A 447 -16.10 -22.03 -8.76
CA ASN A 447 -16.10 -22.03 -8.79
C ASN A 447 -14.64 -22.18 -8.38
N GLN A 448 -13.83 -22.61 -9.33
CA GLN A 448 -12.40 -22.83 -9.10
C GLN A 448 -11.71 -21.51 -8.76
N TYR A 449 -12.23 -20.43 -9.34
CA TYR A 449 -11.63 -19.08 -9.10
C TYR A 449 -11.64 -18.73 -7.64
N LEU A 450 -12.67 -19.19 -6.88
CA LEU A 450 -12.74 -18.89 -5.44
C LEU A 450 -11.51 -19.31 -4.67
N LEU A 451 -10.75 -20.24 -5.22
CA LEU A 451 -9.54 -20.65 -4.53
C LEU A 451 -8.48 -19.49 -4.40
N TRP A 452 -8.58 -18.49 -5.26
CA TRP A 452 -7.71 -17.32 -5.10
C TRP A 452 -8.00 -16.56 -3.82
N PHE A 453 -9.22 -16.72 -3.27
CA PHE A 453 -9.53 -16.06 -2.04
C PHE A 453 -9.11 -16.85 -0.85
N SER A 454 -9.14 -18.18 -0.94
CA SER A 454 -8.83 -19.01 0.28
C SER A 454 -7.43 -19.64 0.39
N GLN A 455 -6.73 -19.73 -0.75
CA GLN A 455 -5.43 -20.41 -0.72
C GLN A 455 -4.30 -19.41 -0.56
N SER A 456 -3.42 -19.65 0.41
CA SER A 456 -2.25 -18.78 0.64
C SER A 456 -1.04 -19.25 -0.15
N GLY A 457 -0.03 -18.40 -0.24
CA GLY A 457 1.22 -18.80 -0.95
C GLY A 457 1.18 -18.39 -2.41
N THR A 458 2.38 -18.28 -3.00
CA THR A 458 2.51 -17.79 -4.38
C THR A 458 2.62 -19.07 -5.27
N PRO A 459 1.78 -19.18 -6.32
CA PRO A 459 1.91 -20.35 -7.27
C PRO A 459 3.21 -20.15 -8.04
N HIS A 460 3.85 -21.27 -8.36
CA HIS A 460 4.95 -21.31 -9.33
C HIS A 460 4.49 -21.85 -10.70
N VAL A 461 4.77 -21.15 -11.80
CA VAL A 461 4.34 -21.59 -13.09
C VAL A 461 5.61 -21.79 -13.96
N SER A 462 5.80 -23.00 -14.50
CA SER A 462 7.01 -23.31 -15.24
C SER A 462 6.60 -23.88 -16.62
N PHE A 463 7.54 -23.77 -17.51
CA PHE A 463 7.31 -23.99 -18.94
C PHE A 463 8.32 -24.91 -19.59
N LYS A 464 7.85 -25.65 -20.60
CA LYS A 464 8.76 -26.36 -21.59
C LYS A 464 8.12 -26.15 -22.96
N TYR A 465 8.91 -26.31 -24.02
CA TYR A 465 8.44 -25.95 -25.36
C TYR A 465 8.79 -27.02 -26.34
N ASN A 466 8.07 -27.01 -27.44
CA ASN A 466 8.43 -27.88 -28.54
C ASN A 466 8.03 -27.20 -29.85
N TYR A 467 8.96 -27.26 -30.84
CA TYR A 467 8.66 -26.74 -32.16
C TYR A 467 8.94 -27.82 -33.19
N ASP A 468 7.97 -28.10 -34.04
CA ASP A 468 8.23 -29.01 -35.17
C ASP A 468 8.22 -28.24 -36.48
N ALA A 469 9.41 -28.09 -37.06
CA ALA A 469 9.68 -27.22 -38.18
C ALA A 469 8.92 -27.68 -39.42
N GLU A 470 8.83 -28.98 -39.62
CA GLU A 470 8.08 -29.52 -40.75
C GLU A 470 6.59 -29.27 -40.59
N LYS A 471 6.03 -29.50 -39.39
CA LYS A 471 4.57 -29.36 -39.21
C LYS A 471 4.13 -27.90 -38.95
N LYS A 472 5.09 -27.02 -38.71
CA LYS A 472 4.79 -25.60 -38.34
C LYS A 472 3.92 -25.57 -37.07
N GLN A 473 4.31 -26.44 -36.10
CA GLN A 473 3.43 -26.62 -34.95
C GLN A 473 4.23 -26.39 -33.68
N TYR A 474 3.74 -25.45 -32.88
CA TYR A 474 4.46 -25.06 -31.64
C TYR A 474 3.67 -25.41 -30.38
N SER A 475 4.35 -25.96 -29.35
CA SER A 475 3.66 -26.38 -28.14
C SER A 475 4.26 -25.71 -26.92
N ILE A 476 3.37 -25.26 -26.03
CA ILE A 476 3.82 -24.72 -24.75
C ILE A 476 3.25 -25.64 -23.69
N HIS A 477 4.14 -26.29 -22.95
CA HIS A 477 3.82 -27.18 -21.82
C HIS A 477 3.91 -26.43 -20.51
N VAL A 478 2.82 -26.31 -19.78
CA VAL A 478 2.80 -25.46 -18.59
C VAL A 478 2.46 -26.29 -17.39
N ASN A 479 3.16 -26.02 -16.28
CA ASN A 479 2.90 -26.64 -15.02
C ASN A 479 2.73 -25.58 -13.90
N GLN A 480 1.83 -25.84 -12.93
CA GLN A 480 1.70 -24.97 -11.75
C GLN A 480 1.86 -25.80 -10.46
N TYR A 481 2.34 -25.16 -9.41
CA TYR A 481 2.58 -25.85 -8.17
C TYR A 481 2.53 -24.71 -7.13
N THR A 482 1.87 -24.96 -5.99
CA THR A 482 1.98 -24.02 -4.82
C THR A 482 2.56 -24.82 -3.69
N LYS A 483 3.65 -24.31 -3.10
CA LYS A 483 4.24 -25.02 -1.92
C LYS A 483 3.26 -25.14 -0.77
N PRO A 484 3.13 -26.35 -0.16
CA PRO A 484 2.30 -26.45 1.07
C PRO A 484 2.80 -25.44 2.15
N ASP A 485 1.91 -24.97 3.02
CA ASP A 485 2.36 -24.08 4.11
C ASP A 485 1.48 -24.38 5.31
N GLU A 486 1.50 -23.50 6.30
CA GLU A 486 0.69 -23.76 7.52
C GLU A 486 -0.80 -23.71 7.32
N ASN A 487 -1.25 -23.05 6.25
CA ASN A 487 -2.69 -22.87 6.00
C ASN A 487 -3.37 -23.94 5.15
N GLN A 488 -2.64 -24.54 4.21
CA GLN A 488 -3.12 -25.71 3.49
C GLN A 488 -1.98 -26.71 3.35
N LYS A 489 -2.27 -27.92 3.85
CA LYS A 489 -1.42 -29.08 3.63
C LYS A 489 -1.34 -29.48 2.15
N GLU A 490 -2.51 -29.47 1.50
CA GLU A 490 -2.64 -29.86 0.11
C GLU A 490 -3.10 -28.61 -0.68
N LYS A 491 -2.33 -28.16 -1.66
CA LYS A 491 -2.69 -26.97 -2.37
C LYS A 491 -3.36 -27.46 -3.62
N LYS A 492 -4.40 -26.78 -4.10
CA LYS A 492 -5.09 -27.24 -5.32
C LYS A 492 -4.64 -26.31 -6.48
N PRO A 493 -4.76 -26.78 -7.75
CA PRO A 493 -4.45 -25.92 -8.89
C PRO A 493 -5.47 -24.77 -9.01
N LEU A 494 -4.93 -23.59 -9.33
CA LEU A 494 -5.73 -22.37 -9.47
C LEU A 494 -6.09 -22.14 -10.94
N PHE A 495 -7.06 -21.25 -11.17
CA PHE A 495 -7.40 -20.80 -12.51
C PHE A 495 -6.47 -19.64 -12.85
N ILE A 496 -5.49 -19.92 -13.72
CA ILE A 496 -4.44 -18.99 -13.95
C ILE A 496 -4.52 -18.56 -15.42
N PRO A 497 -4.82 -17.28 -15.64
CA PRO A 497 -4.84 -16.74 -17.00
C PRO A 497 -3.41 -16.30 -17.46
N ILE A 498 -2.98 -16.79 -18.61
CA ILE A 498 -1.61 -16.58 -19.10
C ILE A 498 -1.73 -15.82 -20.38
N SER A 499 -1.53 -14.49 -20.30
CA SER A 499 -1.55 -13.66 -21.52
C SER A 499 -0.25 -13.90 -22.26
N VAL A 500 -0.37 -14.29 -23.53
CA VAL A 500 0.89 -14.68 -24.25
C VAL A 500 0.95 -14.09 -25.62
N GLY A 501 2.19 -13.87 -26.05
CA GLY A 501 2.43 -13.60 -27.47
C GLY A 501 3.51 -14.56 -27.96
N LEU A 502 3.67 -14.61 -29.28
CA LEU A 502 4.78 -15.36 -29.89
C LEU A 502 5.59 -14.45 -30.78
N ILE A 503 6.88 -14.26 -30.45
CA ILE A 503 7.69 -13.28 -31.18
C ILE A 503 8.55 -14.03 -32.23
N ASN A 504 8.53 -13.54 -33.47
CA ASN A 504 9.45 -14.05 -34.50
C ASN A 504 10.88 -13.51 -34.24
N PRO A 505 11.81 -14.40 -33.88
CA PRO A 505 13.16 -13.97 -33.53
C PRO A 505 13.92 -13.34 -34.72
N GLU A 506 13.48 -13.59 -35.94
CA GLU A 506 14.15 -12.97 -37.09
C GLU A 506 13.85 -11.49 -37.30
N ASN A 507 12.61 -11.04 -37.04
CA ASN A 507 12.19 -9.65 -37.31
C ASN A 507 11.46 -8.96 -36.14
N GLY A 508 11.30 -9.68 -35.02
CA GLY A 508 10.66 -9.09 -33.86
C GLY A 508 9.17 -8.95 -33.88
N LYS A 509 8.51 -9.48 -34.92
CA LYS A 509 7.09 -9.33 -35.10
C LYS A 509 6.20 -10.29 -34.34
N GLU A 510 4.96 -9.87 -34.04
CA GLU A 510 4.02 -10.77 -33.43
C GLU A 510 3.60 -11.85 -34.39
N MET A 511 3.49 -13.07 -33.91
CA MET A 511 3.12 -14.17 -34.76
C MET A 511 1.70 -14.59 -34.54
N ILE A 512 1.10 -14.24 -33.42
CA ILE A 512 -0.33 -14.61 -33.21
C ILE A 512 -1.11 -13.41 -32.69
N SER A 513 -2.45 -13.48 -32.74
CA SER A 513 -3.29 -12.47 -32.14
C SER A 513 -3.25 -12.55 -30.63
N GLN A 514 -3.85 -11.55 -29.97
CA GLN A 514 -4.01 -11.55 -28.49
C GLN A 514 -4.51 -12.87 -28.02
N THR A 515 -3.83 -13.49 -27.05
CA THR A 515 -4.28 -14.77 -26.59
C THR A 515 -4.05 -14.86 -25.09
N THR A 516 -5.06 -15.33 -24.36
CA THR A 516 -4.90 -15.62 -22.93
C THR A 516 -5.23 -17.07 -22.75
N LEU A 517 -4.20 -17.86 -22.41
CA LEU A 517 -4.34 -19.27 -22.04
C LEU A 517 -5.01 -19.38 -20.71
N GLU A 518 -6.01 -20.25 -20.58
CA GLU A 518 -6.65 -20.44 -19.30
C GLU A 518 -6.11 -21.72 -18.72
N LEU A 519 -5.15 -21.65 -17.82
CA LEU A 519 -4.65 -22.89 -17.20
C LEU A 519 -5.49 -23.21 -15.98
N THR A 520 -6.16 -24.38 -15.96
CA THR A 520 -7.07 -24.66 -14.88
C THR A 520 -6.66 -26.01 -14.24
N LYS A 521 -5.66 -26.67 -14.79
CA LYS A 521 -5.24 -27.94 -14.14
C LYS A 521 -3.79 -27.85 -13.68
N GLU A 522 -3.28 -28.89 -13.03
CA GLU A 522 -1.93 -28.89 -12.55
C GLU A 522 -0.94 -28.73 -13.72
N SER A 523 -1.31 -29.26 -14.89
CA SER A 523 -0.50 -29.03 -16.05
C SER A 523 -1.35 -29.14 -17.33
N ASP A 524 -0.86 -28.48 -18.37
CA ASP A 524 -1.58 -28.51 -19.69
C ASP A 524 -0.64 -28.24 -20.84
N THR A 525 -1.00 -28.67 -22.04
CA THR A 525 -0.13 -28.40 -23.19
C THR A 525 -0.98 -27.62 -24.23
N PHE A 526 -0.50 -26.43 -24.59
CA PHE A 526 -1.21 -25.53 -25.53
C PHE A 526 -0.50 -25.60 -26.87
N VAL A 527 -1.22 -26.04 -27.91
CA VAL A 527 -0.58 -26.23 -29.20
C VAL A 527 -1.05 -25.12 -30.16
N PHE A 528 -0.15 -24.66 -31.05
CA PHE A 528 -0.49 -23.66 -32.04
C PHE A 528 -0.03 -24.16 -33.39
N ASN A 529 -0.92 -24.12 -34.39
CA ASN A 529 -0.55 -24.56 -35.71
C ASN A 529 -0.23 -23.34 -36.59
N ASN A 530 0.27 -23.63 -37.79
CA ASN A 530 0.67 -22.59 -38.73
C ASN A 530 1.61 -21.54 -38.08
N ILE A 531 2.61 -22.02 -37.35
CA ILE A 531 3.68 -21.19 -36.80
C ILE A 531 4.93 -21.35 -37.65
N ALA A 532 5.24 -20.35 -38.47
CA ALA A 532 6.13 -20.55 -39.61
C ALA A 532 7.60 -20.68 -39.25
N VAL A 533 7.98 -20.21 -38.06
CA VAL A 533 9.37 -20.29 -37.62
C VAL A 533 9.28 -20.51 -36.11
N LYS A 534 10.36 -20.98 -35.51
CA LYS A 534 10.30 -21.22 -34.04
C LYS A 534 10.28 -19.86 -33.35
N PRO A 535 9.26 -19.62 -32.51
CA PRO A 535 9.07 -18.34 -31.85
C PRO A 535 9.79 -18.27 -30.54
N ILE A 536 9.94 -17.05 -30.08
CA ILE A 536 10.29 -16.88 -28.65
C ILE A 536 8.96 -16.53 -27.96
N PRO A 537 8.59 -17.26 -26.92
CA PRO A 537 7.31 -16.96 -26.30
C PRO A 537 7.40 -15.76 -25.32
N SER A 538 6.39 -14.87 -25.36
CA SER A 538 6.29 -13.68 -24.52
C SER A 538 5.24 -14.06 -23.48
N LEU A 539 5.66 -14.42 -22.26
CA LEU A 539 4.74 -15.10 -21.35
C LEU A 539 4.31 -14.19 -20.16
N PHE A 540 3.01 -14.31 -19.75
CA PHE A 540 2.45 -13.45 -18.69
C PHE A 540 2.53 -11.97 -19.03
N ARG A 541 2.12 -11.62 -20.26
CA ARG A 541 2.14 -10.19 -20.63
C ARG A 541 1.31 -9.38 -19.62
N GLY A 542 1.83 -8.16 -19.32
CA GLY A 542 1.20 -7.30 -18.27
C GLY A 542 1.27 -7.87 -16.86
N PHE A 543 2.07 -8.95 -16.66
CA PHE A 543 2.10 -9.76 -15.42
C PHE A 543 0.67 -10.22 -15.16
N SER A 544 0.24 -11.20 -15.95
CA SER A 544 -1.20 -11.50 -15.94
C SER A 544 -1.72 -12.42 -14.80
N ALA A 545 -0.85 -12.96 -13.93
CA ALA A 545 -1.26 -13.64 -12.68
C ALA A 545 -0.18 -13.44 -11.67
N PRO A 546 -0.49 -13.45 -10.37
CA PRO A 546 0.46 -13.17 -9.34
C PRO A 546 1.23 -14.46 -8.96
N VAL A 547 2.25 -14.77 -9.79
CA VAL A 547 2.96 -16.06 -9.70
C VAL A 547 4.44 -15.86 -9.82
N TYR A 548 5.19 -16.88 -9.39
CA TYR A 548 6.61 -16.99 -9.81
C TYR A 548 6.62 -17.56 -11.22
N ILE A 549 7.20 -16.82 -12.13
CA ILE A 549 7.31 -17.27 -13.54
C ILE A 549 8.66 -17.90 -13.76
N GLU A 550 8.69 -19.16 -14.21
CA GLU A 550 9.96 -19.84 -14.51
C GLU A 550 9.91 -20.06 -16.04
N ASP A 551 10.45 -19.09 -16.81
CA ASP A 551 10.26 -19.02 -18.30
C ASP A 551 11.11 -20.10 -19.04
N GLN A 552 12.16 -20.60 -18.35
CA GLN A 552 13.08 -21.59 -18.92
C GLN A 552 13.61 -21.15 -20.27
N LEU A 553 13.79 -19.85 -20.45
CA LEU A 553 14.38 -19.33 -21.67
C LEU A 553 15.88 -19.18 -21.53
N THR A 554 16.61 -19.21 -22.64
CA THR A 554 18.04 -18.88 -22.56
C THR A 554 18.26 -17.38 -22.40
N ASP A 555 19.46 -16.94 -22.03
CA ASP A 555 19.66 -15.53 -21.96
C ASP A 555 19.63 -14.90 -23.37
N GLU A 556 20.05 -15.67 -24.42
CA GLU A 556 19.90 -15.13 -25.78
C GLU A 556 18.45 -14.79 -26.09
N GLU A 557 17.57 -15.73 -25.75
CA GLU A 557 16.10 -15.49 -25.99
C GLU A 557 15.61 -14.32 -25.14
N ARG A 558 16.03 -14.27 -23.86
CA ARG A 558 15.63 -13.12 -23.01
C ARG A 558 16.08 -11.76 -23.53
N ILE A 559 17.30 -11.74 -24.11
CA ILE A 559 17.82 -10.49 -24.66
C ILE A 559 16.98 -10.12 -25.87
N LEU A 560 16.57 -11.11 -26.68
CA LEU A 560 15.75 -10.79 -27.85
C LEU A 560 14.39 -10.18 -27.42
N LEU A 561 13.81 -10.73 -26.35
CA LEU A 561 12.51 -10.17 -25.87
C LEU A 561 12.77 -8.77 -25.34
N LEU A 562 13.84 -8.66 -24.57
CA LEU A 562 14.19 -7.31 -23.97
C LEU A 562 14.33 -6.26 -25.07
N LYS A 563 14.94 -6.62 -26.23
CA LYS A 563 15.06 -5.67 -27.32
C LYS A 563 13.78 -5.45 -28.11
N TYR A 564 13.08 -6.54 -28.42
CA TYR A 564 12.09 -6.56 -29.48
C TYR A 564 10.64 -6.89 -29.10
N ASP A 565 10.41 -7.35 -27.88
CA ASP A 565 9.02 -7.67 -27.51
C ASP A 565 8.16 -6.40 -27.44
N SER A 566 6.84 -6.56 -27.53
CA SER A 566 5.94 -5.39 -27.47
C SER A 566 5.42 -5.14 -26.08
N ASP A 567 5.59 -6.09 -25.18
CA ASP A 567 4.95 -5.90 -23.86
C ASP A 567 5.96 -5.45 -22.81
N ALA A 568 5.69 -4.33 -22.13
CA ALA A 568 6.70 -3.79 -21.20
C ALA A 568 7.06 -4.73 -20.07
N PHE A 569 6.05 -5.35 -19.44
CA PHE A 569 6.38 -6.26 -18.34
C PHE A 569 7.30 -7.40 -18.84
N VAL A 570 6.97 -8.01 -19.98
CA VAL A 570 7.77 -9.15 -20.38
C VAL A 570 9.23 -8.70 -20.67
N ARG A 571 9.42 -7.50 -21.22
CA ARG A 571 10.78 -7.03 -21.45
C ARG A 571 11.53 -6.85 -20.11
N TYR A 572 10.84 -6.19 -19.16
CA TYR A 572 11.37 -5.95 -17.81
C TYR A 572 11.63 -7.26 -17.12
N ASN A 573 10.72 -8.22 -17.27
CA ASN A 573 10.89 -9.51 -16.62
C ASN A 573 12.03 -10.31 -17.22
N SER A 574 12.16 -10.28 -18.54
CA SER A 574 13.31 -10.91 -19.20
C SER A 574 14.63 -10.35 -18.66
N CYS A 575 14.72 -9.03 -18.54
CA CYS A 575 15.88 -8.38 -17.94
C CYS A 575 16.09 -8.87 -16.47
N THR A 576 15.00 -8.85 -15.70
CA THR A 576 15.06 -9.38 -14.34
C THR A 576 15.59 -10.81 -14.26
N ASN A 577 15.11 -11.67 -15.16
CA ASN A 577 15.53 -13.10 -15.15
C ASN A 577 17.03 -13.26 -15.53
N ILE A 578 17.50 -12.43 -16.49
CA ILE A 578 18.98 -12.38 -16.79
C ILE A 578 19.79 -11.97 -15.51
N TYR A 579 19.35 -10.89 -14.87
CA TYR A 579 20.02 -10.49 -13.65
C TYR A 579 19.96 -11.58 -12.58
N MET A 580 18.79 -12.17 -12.38
CA MET A 580 18.73 -13.21 -11.31
C MET A 580 19.69 -14.42 -11.61
N LYS A 581 19.80 -14.85 -12.87
CA LYS A 581 20.63 -15.99 -13.14
C LYS A 581 22.12 -15.61 -12.80
N GLN A 582 22.47 -14.37 -13.15
CA GLN A 582 23.82 -13.85 -12.83
C GLN A 582 24.05 -13.71 -11.34
N ILE A 583 23.03 -13.19 -10.65
CA ILE A 583 23.15 -13.00 -9.16
C ILE A 583 23.32 -14.33 -8.44
N LEU A 584 22.50 -15.30 -8.78
CA LEU A 584 22.60 -16.61 -8.09
C LEU A 584 23.98 -17.30 -8.38
N MET A 585 24.46 -17.17 -9.61
CA MET A 585 25.77 -17.74 -9.96
CA MET A 585 25.78 -17.74 -9.94
C MET A 585 26.90 -17.06 -9.16
N ASN A 586 26.97 -15.74 -9.23
CA ASN A 586 28.03 -15.04 -8.46
C ASN A 586 27.90 -15.16 -6.98
N TYR A 587 26.66 -15.20 -6.48
CA TYR A 587 26.49 -15.37 -5.04
C TYR A 587 27.09 -16.71 -4.62
N ASN A 588 26.82 -17.75 -5.37
CA ASN A 588 27.33 -19.05 -5.00
CA ASN A 588 27.36 -19.07 -5.06
C ASN A 588 28.88 -19.11 -5.10
N GLU A 589 29.43 -18.43 -6.11
CA GLU A 589 30.93 -18.33 -6.24
C GLU A 589 31.55 -17.58 -5.05
N PHE A 590 30.98 -16.42 -4.69
CA PHE A 590 31.43 -15.72 -3.50
C PHE A 590 31.26 -16.53 -2.20
N LEU A 591 30.11 -17.22 -2.10
CA LEU A 591 29.82 -18.02 -0.89
C LEU A 591 30.82 -19.17 -0.72
N LYS A 592 31.12 -19.87 -1.82
CA LYS A 592 32.09 -20.97 -1.80
C LYS A 592 33.48 -20.41 -1.41
N ALA A 593 33.87 -19.23 -1.95
CA ALA A 593 35.17 -18.68 -1.59
C ALA A 593 35.24 -18.31 -0.10
N LYS A 594 34.14 -17.77 0.45
CA LYS A 594 34.11 -17.42 1.87
C LYS A 594 34.12 -18.70 2.72
N ASN A 595 33.28 -19.66 2.37
CA ASN A 595 33.23 -20.94 3.12
C ASN A 595 34.49 -21.76 3.14
N GLU A 596 35.17 -21.80 2.00
CA GLU A 596 36.38 -22.54 1.84
C GLU A 596 37.62 -21.73 2.16
N LYS A 597 37.44 -20.49 2.59
CA LYS A 597 38.56 -19.59 2.84
C LYS A 597 39.61 -19.59 1.69
N LEU A 598 39.14 -19.44 0.44
CA LEU A 598 40.05 -19.54 -0.70
C LEU A 598 40.96 -18.33 -0.79
N GLU A 599 42.20 -18.55 -1.22
CA GLU A 599 43.14 -17.44 -1.39
C GLU A 599 42.98 -16.83 -2.81
N SER A 600 42.41 -17.58 -3.72
CA SER A 600 42.05 -17.05 -5.04
C SER A 600 40.89 -17.83 -5.56
N PHE A 601 40.15 -17.23 -6.48
CA PHE A 601 38.99 -17.91 -7.09
C PHE A 601 38.52 -17.11 -8.30
N GLN A 602 37.60 -17.66 -9.08
CA GLN A 602 37.12 -16.94 -10.22
C GLN A 602 35.65 -16.53 -10.05
N LEU A 603 35.27 -15.47 -10.76
CA LEU A 603 33.82 -15.04 -10.83
C LEU A 603 33.36 -15.11 -12.26
N THR A 604 32.11 -15.56 -12.50
CA THR A 604 31.60 -15.59 -13.89
C THR A 604 31.28 -14.16 -14.28
N PRO A 605 31.85 -13.66 -15.38
CA PRO A 605 31.45 -12.28 -15.71
C PRO A 605 29.99 -12.15 -16.20
N VAL A 606 29.57 -10.89 -16.29
CA VAL A 606 28.17 -10.55 -16.74
C VAL A 606 28.19 -10.80 -18.21
N ASN A 607 27.10 -11.37 -18.73
CA ASN A 607 26.97 -11.64 -20.19
C ASN A 607 27.20 -10.38 -21.06
N ALA A 608 28.16 -10.45 -22.01
CA ALA A 608 28.48 -9.28 -22.83
C ALA A 608 27.36 -8.84 -23.71
N GLN A 609 26.57 -9.78 -24.24
CA GLN A 609 25.48 -9.43 -25.22
C GLN A 609 24.36 -8.77 -24.41
N PHE A 610 24.27 -9.11 -23.12
CA PHE A 610 23.24 -8.49 -22.26
C PHE A 610 23.69 -7.01 -22.03
N ILE A 611 24.99 -6.79 -21.72
CA ILE A 611 25.50 -5.42 -21.59
C ILE A 611 25.26 -4.63 -22.90
N ASP A 612 25.52 -5.28 -24.04
CA ASP A 612 25.28 -4.66 -25.30
C ASP A 612 23.79 -4.26 -25.49
N ALA A 613 22.88 -5.07 -24.96
CA ALA A 613 21.42 -4.86 -25.16
C ALA A 613 21.01 -3.70 -24.31
N ILE A 614 21.53 -3.64 -23.07
CA ILE A 614 21.31 -2.43 -22.25
C ILE A 614 21.78 -1.16 -22.94
N LYS A 615 22.99 -1.17 -23.55
CA LYS A 615 23.50 0.03 -24.17
C LYS A 615 22.63 0.35 -25.35
N TYR A 616 22.24 -0.65 -26.13
CA TYR A 616 21.35 -0.43 -27.28
C TYR A 616 20.04 0.30 -26.83
N LEU A 617 19.43 -0.17 -25.72
CA LEU A 617 18.19 0.46 -25.24
C LEU A 617 18.46 1.88 -24.72
N LEU A 618 19.51 2.07 -23.91
CA LEU A 618 19.80 3.41 -23.34
C LEU A 618 20.04 4.46 -24.45
N GLU A 619 20.66 4.02 -25.53
CA GLU A 619 21.01 4.91 -26.65
C GLU A 619 19.84 5.13 -27.63
N ASP A 620 18.74 4.42 -27.43
CA ASP A 620 17.63 4.62 -28.35
C ASP A 620 16.88 5.90 -27.92
N PRO A 621 16.90 6.96 -28.76
CA PRO A 621 16.26 8.15 -28.32
C PRO A 621 14.75 8.04 -28.28
N HIS A 622 14.17 7.00 -28.86
CA HIS A 622 12.70 6.87 -28.87
C HIS A 622 12.19 5.96 -27.76
N ALA A 623 13.10 5.46 -26.92
CA ALA A 623 12.76 4.48 -25.87
C ALA A 623 12.42 5.27 -24.60
N ASP A 624 11.72 4.65 -23.66
CA ASP A 624 11.13 5.38 -22.54
C ASP A 624 12.12 5.49 -21.38
N ALA A 625 12.26 6.71 -20.88
CA ALA A 625 13.23 6.94 -19.82
C ALA A 625 12.93 6.19 -18.53
N GLY A 626 11.65 6.05 -18.16
CA GLY A 626 11.31 5.36 -16.92
C GLY A 626 11.67 3.86 -17.05
N PHE A 627 11.40 3.31 -18.23
CA PHE A 627 11.79 1.94 -18.53
C PHE A 627 13.34 1.73 -18.43
N LYS A 628 14.08 2.65 -19.03
CA LYS A 628 15.54 2.63 -18.98
C LYS A 628 15.98 2.60 -17.53
N SER A 629 15.33 3.37 -16.63
CA SER A 629 15.83 3.35 -15.23
C SER A 629 15.69 1.96 -14.56
N TYR A 630 14.67 1.21 -14.95
CA TYR A 630 14.47 -0.14 -14.41
C TYR A 630 15.59 -1.09 -14.93
N ILE A 631 15.99 -0.93 -16.18
CA ILE A 631 16.90 -1.94 -16.78
C ILE A 631 18.34 -1.83 -16.22
N VAL A 632 18.74 -0.66 -15.74
CA VAL A 632 20.13 -0.44 -15.23
C VAL A 632 20.14 -0.70 -13.70
N SER A 633 19.02 -1.11 -13.15
CA SER A 633 18.89 -1.37 -11.71
C SER A 633 18.80 -2.86 -11.49
N LEU A 634 19.57 -3.41 -10.53
CA LEU A 634 19.36 -4.84 -10.25
C LEU A 634 17.99 -5.05 -9.55
N PRO A 635 17.44 -6.27 -9.59
CA PRO A 635 16.24 -6.60 -8.81
C PRO A 635 16.42 -6.20 -7.34
N GLN A 636 15.31 -5.79 -6.73
CA GLN A 636 15.31 -5.44 -5.30
C GLN A 636 15.79 -6.58 -4.44
N ASP A 637 16.45 -6.22 -3.32
CA ASP A 637 16.95 -7.23 -2.40
C ASP A 637 15.86 -8.17 -1.94
N ARG A 638 14.70 -7.60 -1.64
CA ARG A 638 13.56 -8.45 -1.19
C ARG A 638 12.97 -9.37 -2.27
N TYR A 639 13.17 -9.02 -3.55
CA TYR A 639 12.86 -10.00 -4.60
C TYR A 639 13.94 -11.11 -4.66
N ILE A 640 15.20 -10.72 -4.69
CA ILE A 640 16.31 -11.69 -4.67
C ILE A 640 16.16 -12.73 -3.56
N ILE A 641 15.80 -12.29 -2.37
CA ILE A 641 15.80 -13.21 -1.18
C ILE A 641 14.82 -14.38 -1.34
N ASN A 642 13.80 -14.20 -2.19
CA ASN A 642 12.88 -15.32 -2.46
C ASN A 642 13.55 -16.53 -3.14
N PHE A 643 14.74 -16.33 -3.66
CA PHE A 643 15.43 -17.33 -4.48
C PHE A 643 16.69 -17.94 -3.85
N VAL A 644 16.99 -17.54 -2.64
CA VAL A 644 18.21 -17.95 -1.99
C VAL A 644 17.86 -18.49 -0.58
N SER A 645 18.37 -19.70 -0.21
CA SER A 645 18.20 -20.10 1.24
C SER A 645 19.31 -19.64 2.10
N ASN A 646 19.06 -19.48 3.39
CA ASN A 646 20.13 -19.06 4.31
C ASN A 646 20.95 -17.89 3.80
N LEU A 647 20.28 -16.91 3.20
CA LEU A 647 20.93 -15.79 2.54
C LEU A 647 21.91 -15.04 3.42
N ASP A 648 23.20 -15.07 3.04
CA ASP A 648 24.20 -14.28 3.73
C ASP A 648 24.16 -12.89 3.10
N THR A 649 23.84 -11.87 3.91
CA THR A 649 23.61 -10.51 3.36
C THR A 649 24.91 -9.82 2.89
N ASP A 650 26.04 -10.15 3.51
CA ASP A 650 27.36 -9.64 3.06
C ASP A 650 27.75 -10.24 1.73
N VAL A 651 27.46 -11.52 1.53
CA VAL A 651 27.77 -12.17 0.26
C VAL A 651 26.85 -11.57 -0.79
N LEU A 652 25.58 -11.32 -0.44
CA LEU A 652 24.74 -10.70 -1.48
C LEU A 652 25.21 -9.30 -1.77
N ALA A 653 25.62 -8.54 -0.75
CA ALA A 653 26.14 -7.20 -1.04
C ALA A 653 27.38 -7.26 -1.97
N ASP A 654 28.29 -8.20 -1.72
CA ASP A 654 29.45 -8.34 -2.61
C ASP A 654 29.04 -8.79 -4.03
N THR A 655 27.96 -9.57 -4.16
CA THR A 655 27.54 -10.03 -5.44
C THR A 655 27.00 -8.84 -6.24
N LYS A 656 26.13 -8.04 -5.60
CA LYS A 656 25.61 -6.86 -6.29
C LYS A 656 26.73 -5.90 -6.68
N GLU A 657 27.65 -5.64 -5.76
CA GLU A 657 28.84 -4.76 -6.08
C GLU A 657 29.53 -5.23 -7.35
N TYR A 658 29.83 -6.54 -7.42
CA TYR A 658 30.53 -7.10 -8.63
C TYR A 658 29.74 -6.83 -9.91
N ILE A 659 28.43 -7.12 -9.88
CA ILE A 659 27.65 -7.07 -11.09
C ILE A 659 27.51 -5.61 -11.52
N TYR A 660 27.21 -4.70 -10.58
CA TYR A 660 27.17 -3.26 -10.92
C TYR A 660 28.52 -2.75 -11.49
N LYS A 661 29.64 -3.21 -10.92
CA LYS A 661 30.94 -2.75 -11.38
C LYS A 661 31.22 -3.32 -12.78
N GLN A 662 30.86 -4.59 -13.02
CA GLN A 662 31.05 -5.22 -14.36
C GLN A 662 30.34 -4.40 -15.43
N ILE A 663 29.10 -4.01 -15.14
CA ILE A 663 28.34 -3.29 -16.16
C ILE A 663 28.85 -1.85 -16.31
N GLY A 664 29.12 -1.21 -15.18
CA GLY A 664 29.62 0.18 -15.22
C GLY A 664 30.96 0.29 -15.93
N ASP A 665 31.85 -0.70 -15.73
CA ASP A 665 33.17 -0.72 -16.39
C ASP A 665 32.98 -0.69 -17.92
N LYS A 666 31.85 -1.19 -18.41
CA LYS A 666 31.55 -1.07 -19.84
C LYS A 666 30.73 0.18 -20.21
N LEU A 667 29.76 0.55 -19.37
CA LEU A 667 28.78 1.58 -19.76
C LEU A 667 28.91 2.93 -19.11
N ASN A 668 29.82 3.14 -18.18
CA ASN A 668 29.79 4.43 -17.48
C ASN A 668 29.89 5.67 -18.40
N ASP A 669 30.68 5.59 -19.50
CA ASP A 669 30.70 6.70 -20.43
C ASP A 669 29.33 6.97 -21.06
N VAL A 670 28.57 5.91 -21.38
CA VAL A 670 27.24 6.03 -21.93
C VAL A 670 26.32 6.68 -20.84
N TYR A 671 26.42 6.20 -19.62
CA TYR A 671 25.62 6.76 -18.54
C TYR A 671 25.91 8.29 -18.34
N TYR A 672 27.18 8.70 -18.44
CA TYR A 672 27.56 10.09 -18.19
C TYR A 672 27.01 10.91 -19.33
N LYS A 673 27.20 10.44 -20.56
CA LYS A 673 26.71 11.13 -21.72
C LYS A 673 25.18 11.38 -21.62
N MET A 674 24.46 10.39 -21.18
CA MET A 674 23.00 10.51 -21.09
C MET A 674 22.58 11.38 -19.93
N PHE A 675 23.28 11.29 -18.80
CA PHE A 675 23.01 12.18 -17.67
C PHE A 675 23.09 13.63 -18.18
N LYS A 676 24.09 13.92 -19.02
CA LYS A 676 24.25 15.30 -19.51
C LYS A 676 23.19 15.63 -20.58
N SER A 677 22.88 14.72 -21.47
CA SER A 677 22.03 15.07 -22.61
C SER A 677 20.58 15.16 -22.18
N LEU A 678 20.26 14.49 -21.06
CA LEU A 678 18.91 14.52 -20.52
C LEU A 678 18.58 15.78 -19.69
N GLU A 679 19.60 16.52 -19.27
CA GLU A 679 19.41 17.67 -18.39
CA GLU A 679 19.38 17.68 -18.39
C GLU A 679 18.29 18.60 -18.89
N ALA A 680 18.38 19.01 -20.18
CA ALA A 680 17.49 20.06 -20.72
C ALA A 680 16.01 19.78 -20.51
N LYS A 681 15.59 18.59 -20.92
CA LYS A 681 14.22 18.23 -20.84
C LYS A 681 13.86 17.80 -19.45
N ALA A 682 14.77 17.08 -18.74
CA ALA A 682 14.37 16.57 -17.42
C ALA A 682 14.11 17.71 -16.46
N ASP A 683 14.94 18.77 -16.55
CA ASP A 683 14.91 19.81 -15.50
C ASP A 683 14.23 21.08 -16.02
N ASP A 684 13.61 20.99 -17.18
CA ASP A 684 12.88 22.12 -17.76
C ASP A 684 11.97 22.80 -16.70
N LEU A 685 12.14 24.13 -16.54
CA LEU A 685 11.39 24.94 -15.57
C LEU A 685 10.18 25.68 -16.16
N THR A 686 9.85 25.41 -17.43
CA THR A 686 8.75 26.11 -18.09
C THR A 686 7.47 26.16 -17.23
N TYR A 687 7.09 25.03 -16.62
CA TYR A 687 5.83 24.94 -15.91
C TYR A 687 6.00 24.86 -14.40
N PHE A 688 7.17 25.21 -13.89
CA PHE A 688 7.47 25.10 -12.45
C PHE A 688 6.48 25.87 -11.59
N ASN A 689 6.01 27.03 -12.08
CA ASN A 689 5.03 27.79 -11.34
C ASN A 689 3.59 27.56 -11.80
N ASP A 690 3.36 26.49 -12.56
CA ASP A 690 2.03 26.12 -12.95
C ASP A 690 1.65 24.96 -11.99
N GLU A 691 0.83 25.24 -10.98
CA GLU A 691 0.63 24.25 -9.91
C GLU A 691 -0.09 22.95 -10.41
N SER A 692 -0.79 23.04 -11.54
CA SER A 692 -1.63 21.97 -12.02
C SER A 692 -0.99 21.18 -13.18
N HIS A 693 0.17 21.59 -13.64
CA HIS A 693 0.79 20.98 -14.83
C HIS A 693 1.75 19.87 -14.32
N VAL A 694 1.38 18.61 -14.56
CA VAL A 694 2.22 17.54 -14.00
C VAL A 694 2.60 16.64 -15.17
N ASP A 695 3.91 16.46 -15.40
CA ASP A 695 4.38 15.73 -16.54
C ASP A 695 5.11 14.47 -16.04
N PHE A 696 4.43 13.32 -16.17
CA PHE A 696 5.00 12.07 -15.69
C PHE A 696 6.18 11.60 -16.49
N ASP A 697 6.18 11.92 -17.78
CA ASP A 697 7.31 11.56 -18.60
C ASP A 697 8.51 12.37 -18.14
N GLN A 698 8.34 13.67 -17.85
CA GLN A 698 9.46 14.46 -17.41
C GLN A 698 10.01 14.00 -16.04
N MET A 699 9.10 13.60 -15.16
CA MET A 699 9.56 13.09 -13.88
C MET A 699 10.29 11.74 -14.06
N ASN A 700 9.89 10.93 -15.03
CA ASN A 700 10.65 9.68 -15.34
C ASN A 700 12.03 10.01 -15.90
N MET A 701 12.14 11.11 -16.65
CA MET A 701 13.51 11.57 -17.11
C MET A 701 14.40 11.96 -15.92
N ARG A 702 13.82 12.63 -14.91
CA ARG A 702 14.54 12.93 -13.72
C ARG A 702 14.90 11.63 -12.97
N THR A 703 13.96 10.69 -12.87
CA THR A 703 14.33 9.38 -12.29
C THR A 703 15.54 8.79 -12.96
N LEU A 704 15.48 8.76 -14.29
CA LEU A 704 16.65 8.16 -15.00
C LEU A 704 17.95 8.94 -14.70
N ARG A 705 17.93 10.28 -14.72
CA ARG A 705 19.13 11.05 -14.38
C ARG A 705 19.64 10.77 -13.00
N ASN A 706 18.71 10.69 -12.07
CA ASN A 706 19.12 10.43 -10.71
C ASN A 706 19.61 9.02 -10.47
N THR A 707 19.08 8.09 -11.23
CA THR A 707 19.58 6.71 -11.18
C THR A 707 21.04 6.62 -11.76
N LEU A 708 21.22 7.23 -12.92
CA LEU A 708 22.55 7.27 -13.56
C LEU A 708 23.54 8.03 -12.66
N LEU A 709 23.09 9.12 -12.04
CA LEU A 709 23.98 9.86 -11.16
C LEU A 709 24.47 9.01 -9.97
N SER A 710 23.56 8.22 -9.42
CA SER A 710 23.93 7.27 -8.35
C SER A 710 24.97 6.20 -8.84
N LEU A 711 24.73 5.64 -10.03
CA LEU A 711 25.64 4.62 -10.60
C LEU A 711 27.04 5.24 -10.78
N LEU A 712 27.09 6.48 -11.30
CA LEU A 712 28.37 7.15 -11.55
C LEU A 712 29.11 7.53 -10.29
N SER A 713 28.35 7.88 -9.24
CA SER A 713 28.97 8.30 -8.01
C SER A 713 29.55 7.11 -7.28
N LYS A 714 28.76 6.02 -7.17
CA LYS A 714 29.25 4.76 -6.56
C LYS A 714 30.55 4.36 -7.30
N ALA A 715 30.57 4.49 -8.62
CA ALA A 715 31.74 4.13 -9.42
C ALA A 715 32.95 5.07 -9.31
N GLN A 716 32.78 6.24 -8.68
CA GLN A 716 33.79 7.30 -8.61
C GLN A 716 34.28 7.70 -9.99
N TYR A 717 33.31 7.84 -10.89
CA TYR A 717 33.57 8.31 -12.21
C TYR A 717 34.34 9.61 -12.14
N PRO A 718 35.35 9.77 -13.04
CA PRO A 718 36.19 10.98 -12.97
C PRO A 718 35.40 12.31 -12.93
N ASN A 719 35.64 13.06 -11.86
CA ASN A 719 35.17 14.46 -11.64
C ASN A 719 33.67 14.53 -11.38
N ILE A 720 33.05 13.38 -11.16
CA ILE A 720 31.56 13.39 -11.01
C ILE A 720 31.12 14.29 -9.84
N LEU A 721 31.98 14.51 -8.85
CA LEU A 721 31.64 15.48 -7.79
C LEU A 721 31.24 16.85 -8.35
N ASN A 722 31.86 17.28 -9.47
CA ASN A 722 31.44 18.55 -10.08
C ASN A 722 29.96 18.50 -10.38
N GLU A 723 29.52 17.36 -10.93
CA GLU A 723 28.13 17.22 -11.29
C GLU A 723 27.22 17.15 -10.07
N ILE A 724 27.69 16.51 -9.00
CA ILE A 724 26.90 16.36 -7.77
C ILE A 724 26.63 17.74 -7.17
N ILE A 725 27.71 18.54 -7.11
CA ILE A 725 27.59 19.89 -6.58
C ILE A 725 26.63 20.74 -7.42
N GLU A 726 26.74 20.70 -8.75
CA GLU A 726 25.82 21.46 -9.60
C GLU A 726 24.35 20.97 -9.38
N HIS A 727 24.20 19.68 -9.24
CA HIS A 727 22.86 19.10 -9.02
C HIS A 727 22.25 19.56 -7.72
N SER A 728 23.09 19.80 -6.71
CA SER A 728 22.59 20.31 -5.42
C SER A 728 21.92 21.66 -5.54
N LYS A 729 22.15 22.38 -6.67
CA LYS A 729 21.62 23.73 -6.87
C LYS A 729 20.32 23.76 -7.65
N SER A 730 19.85 22.57 -8.07
CA SER A 730 18.57 22.45 -8.76
C SER A 730 17.38 22.92 -7.91
N PRO A 731 16.39 23.52 -8.54
CA PRO A 731 15.16 23.93 -7.90
C PRO A 731 14.31 22.68 -7.46
N TYR A 732 14.52 21.54 -8.10
CA TYR A 732 13.70 20.36 -7.83
C TYR A 732 14.22 19.53 -6.65
N PRO A 733 13.41 19.34 -5.60
CA PRO A 733 13.84 18.51 -4.49
C PRO A 733 14.24 17.08 -4.86
N SER A 734 13.59 16.44 -5.88
CA SER A 734 14.10 15.15 -6.32
C SER A 734 15.60 15.21 -6.63
N ASN A 735 16.01 16.32 -7.24
CA ASN A 735 17.44 16.48 -7.66
C ASN A 735 18.28 16.82 -6.44
N TRP A 736 17.87 17.83 -5.67
CA TRP A 736 18.82 18.23 -4.62
C TRP A 736 18.91 17.24 -3.49
N LEU A 737 17.82 16.51 -3.18
CA LEU A 737 17.96 15.37 -2.29
C LEU A 737 18.78 14.23 -2.86
N THR A 738 18.66 13.96 -4.16
CA THR A 738 19.59 13.01 -4.78
C THR A 738 21.04 13.45 -4.60
N SER A 739 21.31 14.76 -4.73
CA SER A 739 22.70 15.22 -4.59
C SER A 739 23.25 14.87 -3.18
N LEU A 740 22.39 14.96 -2.14
CA LEU A 740 22.74 14.53 -0.81
C LEU A 740 23.09 13.03 -0.76
N SER A 741 22.18 12.16 -1.26
CA SER A 741 22.46 10.69 -1.15
C SER A 741 23.73 10.28 -1.94
N VAL A 742 23.91 10.79 -3.16
CA VAL A 742 25.10 10.36 -3.96
C VAL A 742 26.42 10.96 -3.46
N SER A 743 26.34 12.06 -2.70
CA SER A 743 27.54 12.67 -2.12
C SER A 743 28.08 11.86 -0.93
N ALA A 744 27.31 10.85 -0.47
CA ALA A 744 27.80 9.91 0.57
C ALA A 744 29.21 9.36 0.29
N TYR A 745 29.52 9.19 -1.00
CA TYR A 745 30.80 8.61 -1.44
C TYR A 745 31.92 9.66 -1.57
N PHE A 746 31.66 10.92 -1.17
CA PHE A 746 32.67 11.99 -1.21
C PHE A 746 32.82 12.75 0.09
N ASP A 747 33.86 13.59 0.18
CA ASP A 747 34.18 14.33 1.41
C ASP A 747 33.17 15.44 1.60
N LYS A 748 32.34 15.70 0.58
CA LYS A 748 31.39 16.79 0.61
C LYS A 748 30.04 16.43 1.28
N TYR A 749 29.87 15.19 1.72
CA TYR A 749 28.57 14.75 2.25
C TYR A 749 27.98 15.67 3.37
N PHE A 750 28.76 15.98 4.41
CA PHE A 750 28.20 16.79 5.51
C PHE A 750 27.93 18.23 5.14
N GLU A 751 28.67 18.76 4.15
CA GLU A 751 28.36 20.08 3.58
C GLU A 751 26.98 20.02 2.88
N LEU A 752 26.71 18.98 2.10
CA LEU A 752 25.36 18.91 1.46
C LEU A 752 24.27 18.56 2.47
N TYR A 753 24.62 17.81 3.51
CA TYR A 753 23.68 17.50 4.61
C TYR A 753 23.13 18.81 5.23
N ASP A 754 24.04 19.71 5.58
CA ASP A 754 23.69 21.02 6.11
C ASP A 754 22.91 21.86 5.10
N LYS A 755 23.39 21.94 3.85
CA LYS A 755 22.72 22.75 2.82
C LYS A 755 21.30 22.24 2.63
N THR A 756 21.13 20.91 2.50
CA THR A 756 19.79 20.34 2.25
C THR A 756 18.88 20.38 3.48
N TYR A 757 19.44 20.24 4.68
CA TYR A 757 18.67 20.45 5.92
C TYR A 757 18.10 21.85 5.91
N LYS A 758 18.95 22.83 5.63
CA LYS A 758 18.45 24.20 5.53
C LYS A 758 17.32 24.38 4.53
N LEU A 759 17.40 23.75 3.35
CA LEU A 759 16.36 23.82 2.36
C LEU A 759 15.07 23.11 2.79
N SER A 760 15.21 22.14 3.71
CA SER A 760 14.04 21.28 4.10
C SER A 760 13.35 21.67 5.39
N LYS A 761 14.08 22.28 6.35
CA LYS A 761 13.61 22.37 7.72
C LYS A 761 12.31 23.15 7.95
N ASP A 762 11.92 24.02 7.00
CA ASP A 762 10.74 24.83 7.20
C ASP A 762 9.45 24.32 6.56
N ASP A 763 9.47 23.11 5.97
CA ASP A 763 8.22 22.50 5.47
C ASP A 763 8.19 21.12 6.11
N GLU A 764 7.16 20.83 6.90
CA GLU A 764 7.10 19.57 7.69
C GLU A 764 7.34 18.33 6.80
N LEU A 765 6.74 18.34 5.61
CA LEU A 765 6.79 17.07 4.79
C LEU A 765 8.16 16.96 4.09
N LEU A 766 8.70 18.09 3.66
CA LEU A 766 9.97 18.08 3.00
C LEU A 766 11.04 17.67 3.98
N LEU A 767 10.90 18.08 5.26
CA LEU A 767 11.85 17.66 6.28
C LEU A 767 11.82 16.13 6.45
N GLN A 768 10.61 15.55 6.40
CA GLN A 768 10.49 14.11 6.43
C GLN A 768 11.18 13.41 5.24
N GLU A 769 11.08 14.00 4.05
CA GLU A 769 11.81 13.44 2.91
C GLU A 769 13.32 13.59 3.10
N TRP A 770 13.78 14.70 3.69
CA TRP A 770 15.21 14.86 4.04
C TRP A 770 15.63 13.74 5.00
N LEU A 771 14.87 13.51 6.05
CA LEU A 771 15.19 12.43 7.00
C LEU A 771 15.30 11.06 6.29
N LYS A 772 14.37 10.75 5.38
CA LYS A 772 14.45 9.47 4.62
C LYS A 772 15.75 9.43 3.79
N THR A 773 16.17 10.58 3.27
CA THR A 773 17.37 10.66 2.40
C THR A 773 18.61 10.37 3.25
N VAL A 774 18.63 10.92 4.49
CA VAL A 774 19.78 10.76 5.35
C VAL A 774 19.79 9.27 5.78
N SER A 775 18.61 8.79 6.19
CA SER A 775 18.46 7.40 6.74
C SER A 775 18.93 6.36 5.68
N ARG A 776 18.70 6.63 4.40
CA ARG A 776 18.98 5.68 3.30
CA ARG A 776 18.99 5.67 3.32
C ARG A 776 20.41 5.89 2.79
N SER A 777 21.13 6.88 3.33
CA SER A 777 22.47 7.25 2.76
C SER A 777 23.51 6.13 2.96
N ASP A 778 24.25 5.83 1.90
CA ASP A 778 25.27 4.78 1.96
C ASP A 778 26.57 5.26 2.63
N ARG A 779 26.45 5.43 3.95
CA ARG A 779 27.48 5.94 4.84
C ARG A 779 28.07 4.85 5.71
N LYS A 780 29.41 4.80 5.76
CA LYS A 780 30.04 3.91 6.72
C LYS A 780 29.71 4.34 8.16
N ASP A 781 29.51 5.65 8.38
CA ASP A 781 29.23 6.13 9.74
C ASP A 781 27.69 6.31 9.95
N ILE A 782 26.86 5.51 9.25
CA ILE A 782 25.37 5.62 9.33
C ILE A 782 24.86 5.51 10.80
N TYR A 783 25.47 4.67 11.63
CA TYR A 783 24.97 4.55 13.02
C TYR A 783 25.17 5.84 13.79
N GLU A 784 26.31 6.51 13.57
CA GLU A 784 26.53 7.83 14.20
C GLU A 784 25.62 8.89 13.62
N ILE A 785 25.35 8.80 12.32
CA ILE A 785 24.41 9.70 11.70
C ILE A 785 23.00 9.52 12.24
N LEU A 786 22.54 8.28 12.44
CA LEU A 786 21.22 8.08 13.05
C LEU A 786 21.14 8.65 14.46
N LYS A 787 22.23 8.56 15.22
CA LYS A 787 22.21 9.07 16.59
C LYS A 787 22.09 10.59 16.55
N LYS A 788 22.74 11.20 15.57
CA LYS A 788 22.66 12.67 15.33
C LYS A 788 21.23 13.07 14.92
N LEU A 789 20.60 12.33 14.00
CA LEU A 789 19.17 12.62 13.71
C LEU A 789 18.28 12.47 14.95
N GLU A 790 18.52 11.43 15.76
CA GLU A 790 17.69 11.27 16.93
C GLU A 790 17.85 12.49 17.91
N ASN A 791 19.10 12.89 18.14
CA ASN A 791 19.35 13.96 19.15
C ASN A 791 18.97 15.32 18.61
N GLU A 792 19.14 15.55 17.33
CA GLU A 792 18.99 16.90 16.78
C GLU A 792 17.66 17.21 16.11
N VAL A 793 17.02 16.19 15.51
CA VAL A 793 15.85 16.42 14.70
C VAL A 793 14.65 15.62 15.17
N LEU A 794 14.77 14.29 15.22
CA LEU A 794 13.62 13.45 15.66
C LEU A 794 13.21 13.72 17.13
N LYS A 795 14.14 13.53 18.07
CA LYS A 795 13.86 13.67 19.53
C LYS A 795 12.71 12.75 20.02
N ASP A 796 11.77 13.25 20.82
CA ASP A 796 10.71 12.34 21.28
C ASP A 796 9.41 12.57 20.49
N SER A 797 9.57 12.86 19.21
CA SER A 797 8.40 12.98 18.29
C SER A 797 7.58 11.72 18.38
N LYS A 798 6.26 11.88 18.45
CA LYS A 798 5.35 10.76 18.36
C LYS A 798 4.69 10.73 16.97
N ASN A 799 5.19 11.57 16.07
CA ASN A 799 4.56 11.64 14.72
C ASN A 799 5.00 10.37 13.91
N PRO A 800 4.04 9.56 13.41
CA PRO A 800 4.40 8.33 12.66
C PRO A 800 5.27 8.66 11.47
N ASN A 801 5.01 9.78 10.75
CA ASN A 801 5.81 10.08 9.60
C ASN A 801 7.29 10.34 9.97
N ASP A 802 7.55 10.97 11.12
CA ASP A 802 8.94 11.24 11.49
C ASP A 802 9.62 9.95 11.89
N ILE A 803 8.93 9.11 12.69
CA ILE A 803 9.56 7.83 13.14
C ILE A 803 9.84 6.94 11.92
N ARG A 804 8.85 6.77 11.08
CA ARG A 804 9.08 5.92 9.87
C ARG A 804 10.20 6.48 8.97
N ALA A 805 10.31 7.82 8.84
CA ALA A 805 11.28 8.39 7.91
C ALA A 805 12.69 8.13 8.44
N VAL A 806 12.87 8.24 9.76
CA VAL A 806 14.21 8.08 10.37
C VAL A 806 14.67 6.63 10.27
N TYR A 807 13.76 5.69 10.43
CA TYR A 807 14.20 4.29 10.62
C TYR A 807 14.01 3.35 9.46
N LEU A 808 12.89 3.41 8.75
CA LEU A 808 12.66 2.37 7.75
C LEU A 808 13.68 2.36 6.61
N PRO A 809 14.08 3.52 6.08
CA PRO A 809 15.01 3.38 4.94
C PRO A 809 16.34 2.78 5.36
N PHE A 810 16.83 3.16 6.54
CA PHE A 810 18.02 2.56 7.11
C PHE A 810 17.91 1.01 7.16
N THR A 811 16.73 0.47 7.47
CA THR A 811 16.56 -0.99 7.58
C THR A 811 16.77 -1.70 6.25
N ASN A 812 16.82 -0.96 5.16
CA ASN A 812 17.12 -1.52 3.86
C ASN A 812 18.60 -1.50 3.49
N ASN A 813 19.41 -0.97 4.40
CA ASN A 813 20.86 -0.87 4.11
C ASN A 813 21.43 -2.28 4.34
N LEU A 814 21.62 -2.98 3.23
CA LEU A 814 22.03 -4.39 3.26
C LEU A 814 23.29 -4.66 4.05
N ARG A 815 24.37 -3.88 3.82
CA ARG A 815 25.60 -4.07 4.67
C ARG A 815 25.51 -3.70 6.06
N ARG A 816 24.86 -2.57 6.34
CA ARG A 816 24.94 -2.03 7.65
C ARG A 816 23.80 -2.37 8.58
N PHE A 817 22.54 -2.43 8.09
CA PHE A 817 21.47 -2.84 9.03
C PHE A 817 21.69 -4.25 9.53
N HIS A 818 22.19 -5.08 8.59
CA HIS A 818 22.48 -6.48 8.86
C HIS A 818 23.89 -6.69 9.38
N ASP A 819 24.49 -5.65 9.97
CA ASP A 819 25.81 -5.81 10.63
C ASP A 819 25.79 -7.07 11.50
N ILE A 820 26.81 -7.90 11.29
CA ILE A 820 26.88 -9.23 11.99
C ILE A 820 26.91 -9.19 13.53
N SER A 821 27.26 -8.05 14.15
CA SER A 821 27.11 -7.88 15.58
C SER A 821 25.67 -7.93 16.06
N GLY A 822 24.76 -7.67 15.14
CA GLY A 822 23.34 -7.59 15.46
C GLY A 822 22.93 -6.22 15.99
N LYS A 823 23.83 -5.24 15.89
CA LYS A 823 23.57 -3.91 16.47
C LYS A 823 22.35 -3.21 15.75
N GLY A 824 22.20 -3.51 14.45
CA GLY A 824 21.07 -2.91 13.67
C GLY A 824 19.73 -3.49 14.16
N TYR A 825 19.72 -4.80 14.46
CA TYR A 825 18.51 -5.45 14.90
C TYR A 825 18.15 -4.98 16.31
N LYS A 826 19.19 -4.80 17.13
CA LYS A 826 19.06 -4.28 18.49
C LYS A 826 18.44 -2.89 18.49
N LEU A 827 18.94 -2.03 17.61
CA LEU A 827 18.52 -0.63 17.52
C LEU A 827 17.06 -0.60 17.10
N ILE A 828 16.67 -1.36 16.05
CA ILE A 828 15.26 -1.32 15.61
C ILE A 828 14.34 -1.90 16.66
N ALA A 829 14.77 -2.97 17.35
CA ALA A 829 13.94 -3.56 18.42
C ALA A 829 13.66 -2.56 19.57
N GLU A 830 14.66 -1.76 19.90
CA GLU A 830 14.51 -0.72 20.95
C GLU A 830 13.49 0.33 20.50
N VAL A 831 13.57 0.74 19.25
CA VAL A 831 12.62 1.71 18.73
C VAL A 831 11.19 1.12 18.70
N ILE A 832 11.04 -0.14 18.24
CA ILE A 832 9.73 -0.82 18.26
C ILE A 832 9.16 -0.80 19.68
N THR A 833 9.95 -1.26 20.63
CA THR A 833 9.39 -1.33 22.00
C THR A 833 9.03 0.04 22.56
N LYS A 834 9.86 1.05 22.29
CA LYS A 834 9.58 2.45 22.71
C LYS A 834 8.27 2.95 22.06
N THR A 835 8.13 2.68 20.75
CA THR A 835 6.97 3.12 19.99
C THR A 835 5.70 2.47 20.42
N ASP A 836 5.77 1.17 20.74
CA ASP A 836 4.63 0.34 21.13
C ASP A 836 3.87 0.87 22.38
N LYS A 837 4.60 1.61 23.21
CA LYS A 837 4.00 2.28 24.43
C LYS A 837 2.93 3.29 24.03
N PHE A 838 3.09 3.95 22.88
CA PHE A 838 2.04 4.89 22.49
C PHE A 838 1.32 4.65 21.18
N ASN A 839 1.95 3.90 20.26
CA ASN A 839 1.29 3.61 18.98
C ASN A 839 1.65 2.19 18.50
N PRO A 840 0.85 1.21 18.91
CA PRO A 840 1.09 -0.19 18.51
C PRO A 840 1.06 -0.44 17.00
N MET A 841 0.20 0.25 16.24
CA MET A 841 0.30 0.10 14.77
C MET A 841 1.64 0.47 14.21
N VAL A 842 2.20 1.61 14.60
CA VAL A 842 3.47 1.99 14.01
C VAL A 842 4.55 1.02 14.51
N ALA A 843 4.44 0.60 15.78
CA ALA A 843 5.41 -0.39 16.28
C ALA A 843 5.44 -1.66 15.44
N THR A 844 4.33 -2.02 15.01
CA THR A 844 4.21 -3.20 14.15
C THR A 844 4.78 -2.93 12.72
N GLN A 845 4.51 -1.80 12.24
CA GLN A 845 5.15 -1.42 10.95
C GLN A 845 6.64 -1.43 11.01
N LEU A 846 7.22 -0.99 12.12
CA LEU A 846 8.66 -0.95 12.30
C LEU A 846 9.26 -2.36 12.44
N CYS A 847 8.44 -3.39 12.64
CA CYS A 847 8.90 -4.78 12.59
C CYS A 847 9.21 -5.30 11.17
N GLU A 848 8.93 -4.51 10.12
CA GLU A 848 9.01 -5.03 8.76
CA GLU A 848 9.07 -4.97 8.72
C GLU A 848 10.36 -5.78 8.45
N PRO A 849 11.55 -5.24 8.86
CA PRO A 849 12.78 -5.99 8.47
C PRO A 849 12.83 -7.37 9.05
N PHE A 850 12.15 -7.60 10.17
CA PHE A 850 12.16 -8.90 10.80
C PHE A 850 11.36 -9.93 9.97
N LYS A 851 10.56 -9.52 8.98
CA LYS A 851 9.70 -10.50 8.30
C LYS A 851 10.49 -11.53 7.56
N LEU A 852 11.73 -11.20 7.15
CA LEU A 852 12.51 -12.24 6.45
C LEU A 852 13.48 -13.02 7.36
N TRP A 853 13.27 -12.95 8.68
CA TRP A 853 14.29 -13.50 9.62
C TRP A 853 14.70 -14.96 9.32
N ASN A 854 13.76 -15.78 8.92
CA ASN A 854 14.05 -17.23 8.77
C ASN A 854 14.57 -17.55 7.39
N LYS A 855 14.80 -16.52 6.58
CA LYS A 855 15.43 -16.64 5.24
C LYS A 855 16.92 -16.34 5.26
N LEU A 856 17.45 -15.83 6.37
CA LEU A 856 18.85 -15.38 6.32
C LEU A 856 19.77 -16.53 6.83
N ASP A 857 21.10 -16.29 6.76
CA ASP A 857 22.07 -17.21 7.29
C ASP A 857 21.84 -17.50 8.74
N THR A 858 22.33 -18.65 9.21
CA THR A 858 21.93 -19.08 10.54
C THR A 858 22.38 -18.15 11.67
N LYS A 859 23.49 -17.43 11.52
CA LYS A 859 23.85 -16.45 12.53
C LYS A 859 22.83 -15.26 12.62
N ARG A 860 22.46 -14.71 11.49
CA ARG A 860 21.55 -13.54 11.52
C ARG A 860 20.15 -14.00 11.93
N GLN A 861 19.74 -15.20 11.51
CA GLN A 861 18.48 -15.76 12.04
C GLN A 861 18.47 -15.72 13.55
N GLU A 862 19.57 -16.18 14.17
CA GLU A 862 19.60 -16.26 15.62
C GLU A 862 19.53 -14.88 16.32
N LEU A 863 20.27 -13.93 15.77
CA LEU A 863 20.35 -12.55 16.23
C LEU A 863 18.94 -11.91 16.12
N MET A 864 18.24 -12.15 15.02
CA MET A 864 16.90 -11.55 14.87
C MET A 864 15.92 -12.17 15.80
N LEU A 865 15.99 -13.49 15.89
CA LEU A 865 15.08 -14.22 16.78
C LEU A 865 15.30 -13.76 18.22
N ASN A 866 16.56 -13.56 18.61
CA ASN A 866 16.88 -13.04 19.96
CA ASN A 866 16.80 -13.10 20.00
C ASN A 866 16.15 -11.74 20.28
N GLU A 867 16.23 -10.80 19.34
CA GLU A 867 15.58 -9.49 19.52
C GLU A 867 14.07 -9.61 19.52
N MET A 868 13.49 -10.45 18.66
CA MET A 868 12.04 -10.69 18.72
C MET A 868 11.59 -11.28 20.05
N ASN A 869 12.34 -12.27 20.54
CA ASN A 869 11.97 -12.85 21.84
C ASN A 869 12.12 -11.82 22.97
N THR A 870 13.13 -10.97 22.87
CA THR A 870 13.30 -9.87 23.88
C THR A 870 12.07 -8.91 23.86
N MET A 871 11.66 -8.51 22.66
CA MET A 871 10.41 -7.74 22.55
C MET A 871 9.19 -8.43 23.10
N LEU A 872 9.08 -9.74 22.84
CA LEU A 872 7.96 -10.50 23.31
C LEU A 872 7.88 -10.58 24.85
N GLN A 873 9.04 -10.45 25.47
CA GLN A 873 9.18 -10.58 26.91
C GLN A 873 8.86 -9.25 27.63
N GLU A 874 8.59 -8.18 26.88
CA GLU A 874 8.29 -6.86 27.52
C GLU A 874 6.97 -6.93 28.23
N PRO A 875 6.96 -6.61 29.57
CA PRO A 875 5.72 -6.79 30.29
C PRO A 875 4.62 -5.92 29.76
N GLN A 876 5.00 -4.76 29.26
CA GLN A 876 4.00 -3.82 28.80
C GLN A 876 3.74 -3.92 27.28
N ILE A 877 4.10 -5.05 26.65
CA ILE A 877 3.71 -5.29 25.19
C ILE A 877 2.24 -5.19 24.81
N SER A 878 1.92 -4.51 23.70
CA SER A 878 0.57 -4.39 23.24
C SER A 878 0.03 -5.72 22.73
N ASN A 879 -1.28 -5.85 22.78
CA ASN A 879 -1.89 -6.94 22.00
C ASN A 879 -1.55 -6.99 20.46
N ASN A 880 -1.50 -5.84 19.76
CA ASN A 880 -1.21 -5.95 18.36
CA ASN A 880 -1.13 -5.77 18.32
C ASN A 880 0.24 -6.41 18.16
N LEU A 881 1.17 -5.88 18.94
CA LEU A 881 2.60 -6.25 18.73
C LEU A 881 2.81 -7.72 19.13
N LYS A 882 2.27 -8.10 20.30
CA LYS A 882 2.34 -9.53 20.67
C LYS A 882 1.80 -10.52 19.66
N GLU A 883 0.60 -10.32 19.07
CA GLU A 883 0.00 -11.28 18.13
C GLU A 883 0.93 -11.35 16.91
N TYR A 884 1.47 -10.19 16.53
CA TYR A 884 2.30 -10.09 15.30
C TYR A 884 3.60 -10.91 15.45
N LEU A 885 4.27 -10.71 16.58
CA LEU A 885 5.55 -11.31 16.80
C LEU A 885 5.39 -12.81 17.13
N LEU A 886 4.26 -13.16 17.74
CA LEU A 886 3.98 -14.64 17.98
C LEU A 886 3.80 -15.38 16.65
N ARG A 887 3.05 -14.76 15.75
CA ARG A 887 2.78 -15.37 14.49
C ARG A 887 4.08 -15.37 13.67
N LEU A 888 4.86 -14.28 13.73
CA LEU A 888 6.09 -14.22 12.90
C LEU A 888 7.14 -15.26 13.36
N THR A 889 7.17 -15.55 14.65
CA THR A 889 8.19 -16.45 15.21
C THR A 889 7.67 -17.85 15.39
N ASN A 890 6.53 -18.14 14.77
CA ASN A 890 5.91 -19.45 14.86
C ASN A 890 5.73 -19.96 16.26
N LYS A 891 5.12 -19.14 17.12
CA LYS A 891 5.00 -19.46 18.57
C LYS A 891 3.59 -19.14 19.10
#